data_7C0Y
#
_entry.id   7C0Y
#
_cell.length_a   65.080
_cell.length_b   58.520
_cell.length_c   102.640
_cell.angle_alpha   90.000
_cell.angle_beta   92.750
_cell.angle_gamma   90.000
#
_symmetry.space_group_name_H-M   'P 1 21 1'
#
loop_
_entity.id
_entity.type
_entity.pdbx_description
1 polymer 'Sugar ABC transporter, periplasmic sugar-binding protein'
2 non-polymer 'CARBON DIOXIDE'
3 non-polymer 'PHOSPHITE ION'
4 non-polymer GLYCEROL
5 non-polymer '[(1S,3R,3aR,6aS)-3-(2-azanyl-6-oxidanylidene-1H-purin-9-yl)-5,5-bis(oxidanyl)-1,3,3a,4,6,6a-hexahydrocyclopenta[c]furan-1-yl]methyl [(2R,3S,4R,5R)-5-[2,4-bis(oxidanylidene)pyrimidin-1-yl]-2-(hydroxymethyl)-4-oxidanyl-oxolan-3-yl] hydrogen phosphate'
6 non-polymer 1,2-ETHANEDIOL
7 water water
#
_entity_poly.entity_id   1
_entity_poly.type   'polypeptide(L)'
_entity_poly.pdbx_seq_one_letter_code
;MMKPEDVIKEQCARAKVVAELWHGFTGGAPKAALENLVVEFNKAQQGRCVRPVPQGGYRDLSTKIKAAFAAGKVPTMAQA
FENNIALYLEAKALLPIESLGVKLQGVNLTFLNAVRFGGVVYGVPFNKSIQVLYYNKDLLKKHGVPVPATLEEFVAAAKK
LSRAEGGPVYWFQPDASTFAYFFFNLGGSYLKDGKLVLNSKEAVEALTLLQNGVKEGWAKPITSGYINQNLGSGPYAFSV
DTSAGYTAYLRAAKFDLGVATLPGRTKGQPGYGLVQGTNLVVFRQASKEEQAVAKDFLEFVLSPRAQAVFATATGYVPVT
EGALKDPVYQAYAAENPDYATIVRQSRYAKFEPALAEWEQIRFDILGQAIKEAILNKADPKAALDRAQKLAEDLLSSRTR
HHHHHH
;
_entity_poly.pdbx_strand_id   A,B
#
loop_
_chem_comp.id
_chem_comp.type
_chem_comp.name
_chem_comp.formula
CO2 non-polymer 'CARBON DIOXIDE' 'C O2'
EDO non-polymer 1,2-ETHANEDIOL 'C2 H6 O2'
FGO non-polymer '[(1S,3R,3aR,6aS)-3-(2-azanyl-6-oxidanylidene-1H-purin-9-yl)-5,5-bis(oxidanyl)-1,3,3a,4,6,6a-hexahydrocyclopenta[c]furan-1-yl]methyl [(2R,3S,4R,5R)-5-[2,4-bis(oxidanylidene)pyrimidin-1-yl]-2-(hydroxymethyl)-4-oxidanyl-oxolan-3-yl] hydrogen phosphate' 'C22 H28 N7 O13 P'
GOL non-polymer GLYCEROL 'C3 H8 O3'
PO3 non-polymer 'PHOSPHITE ION' 'O3 P -3'
#
# COMPACT_ATOMS: atom_id res chain seq x y z
N MET A 2 21.73 -25.20 1.96
CA MET A 2 21.85 -23.99 2.85
C MET A 2 22.06 -22.75 1.98
N LYS A 3 21.01 -21.97 1.72
CA LYS A 3 21.05 -20.75 0.86
C LYS A 3 21.72 -19.63 1.66
N PRO A 4 22.43 -18.67 1.00
CA PRO A 4 23.02 -17.55 1.73
C PRO A 4 21.95 -16.86 2.60
N GLU A 5 20.77 -16.57 2.07
CA GLU A 5 19.76 -15.85 2.92
C GLU A 5 19.41 -16.68 4.16
N ASP A 6 19.42 -18.02 4.10
CA ASP A 6 19.16 -18.89 5.28
C ASP A 6 20.29 -18.73 6.30
N VAL A 7 21.52 -18.72 5.81
CA VAL A 7 22.70 -18.47 6.69
C VAL A 7 22.51 -17.08 7.32
N ILE A 8 22.15 -16.06 6.57
CA ILE A 8 21.97 -14.69 7.15
C ILE A 8 20.89 -14.69 8.23
N LYS A 9 19.78 -15.35 7.96
CA LYS A 9 18.70 -15.50 8.97
C LYS A 9 19.30 -16.07 10.26
N GLU A 10 20.09 -17.15 10.15
CA GLU A 10 20.65 -17.82 11.35
C GLU A 10 21.61 -16.85 12.06
N GLN A 11 22.39 -16.13 11.27
CA GLN A 11 23.37 -15.15 11.79
C GLN A 11 22.65 -14.09 12.62
N CYS A 12 21.59 -13.51 12.08
CA CYS A 12 20.84 -12.39 12.74
C CYS A 12 20.09 -12.95 13.96
N ALA A 13 19.55 -14.17 13.86
CA ALA A 13 18.81 -14.79 15.00
C ALA A 13 19.72 -14.84 16.23
N ARG A 14 21.03 -15.14 16.05
CA ARG A 14 21.97 -15.29 17.21
C ARG A 14 22.71 -13.97 17.52
N ALA A 15 22.47 -12.90 16.76
CA ALA A 15 23.14 -11.59 16.95
C ALA A 15 22.45 -10.79 18.06
N LYS A 16 23.21 -9.92 18.73
CA LYS A 16 22.68 -9.01 19.77
C LYS A 16 22.14 -7.75 19.11
N VAL A 17 22.73 -7.35 17.98
CA VAL A 17 22.33 -6.10 17.27
C VAL A 17 22.20 -6.44 15.80
N VAL A 18 21.06 -6.10 15.21
CA VAL A 18 20.77 -6.36 13.78
C VAL A 18 20.40 -5.02 13.17
N ALA A 19 21.16 -4.58 12.18
CA ALA A 19 20.88 -3.37 11.38
C ALA A 19 20.19 -3.84 10.10
N GLU A 20 18.93 -3.47 9.84
CA GLU A 20 18.28 -3.86 8.59
C GLU A 20 18.82 -3.00 7.44
N LEU A 21 18.96 -3.60 6.26
CA LEU A 21 19.35 -2.91 5.02
C LEU A 21 18.27 -3.24 4.00
N TRP A 22 17.43 -2.28 3.70
CA TRP A 22 16.39 -2.50 2.69
C TRP A 22 16.99 -2.34 1.29
N HIS A 23 16.69 -3.27 0.43
CA HIS A 23 17.22 -3.26 -0.96
C HIS A 23 16.17 -3.61 -2.00
N GLY A 24 16.58 -3.42 -3.24
CA GLY A 24 15.71 -3.54 -4.44
C GLY A 24 16.18 -4.63 -5.34
N PHE A 25 16.97 -5.59 -4.84
CA PHE A 25 17.43 -6.71 -5.68
C PHE A 25 16.41 -7.84 -5.55
N THR A 26 15.84 -8.30 -6.68
CA THR A 26 14.75 -9.29 -6.64
C THR A 26 15.35 -10.67 -6.83
N GLY A 27 16.53 -10.74 -7.44
CA GLY A 27 17.16 -12.03 -7.72
C GLY A 27 18.39 -11.87 -8.58
N GLY A 28 18.76 -12.98 -9.21
CA GLY A 28 19.96 -13.09 -10.02
C GLY A 28 21.25 -12.73 -9.30
N ALA A 29 22.23 -12.36 -10.09
CA ALA A 29 23.59 -12.20 -9.54
C ALA A 29 23.65 -11.04 -8.52
N PRO A 30 22.95 -9.89 -8.74
CA PRO A 30 22.98 -8.82 -7.75
C PRO A 30 22.53 -9.27 -6.35
N LYS A 31 21.42 -9.98 -6.27
CA LYS A 31 20.93 -10.45 -4.95
C LYS A 31 21.93 -11.43 -4.34
N ALA A 32 22.40 -12.40 -5.10
CA ALA A 32 23.35 -13.41 -4.57
C ALA A 32 24.61 -12.70 -4.08
N ALA A 33 25.10 -11.78 -4.89
CA ALA A 33 26.34 -11.05 -4.57
C ALA A 33 26.13 -10.21 -3.30
N LEU A 34 25.01 -9.51 -3.16
CA LEU A 34 24.75 -8.78 -1.90
C LEU A 34 24.73 -9.78 -0.73
N GLU A 35 24.01 -10.88 -0.86
CA GLU A 35 23.88 -11.84 0.27
C GLU A 35 25.23 -12.47 0.62
N ASN A 36 26.08 -12.74 -0.36
CA ASN A 36 27.42 -13.28 -0.09
C ASN A 36 28.27 -12.24 0.66
N LEU A 37 28.15 -10.96 0.28
CA LEU A 37 28.93 -9.86 0.94
C LEU A 37 28.43 -9.80 2.38
N VAL A 38 27.11 -9.86 2.58
CA VAL A 38 26.57 -9.81 3.97
C VAL A 38 26.96 -11.05 4.83
N VAL A 39 26.88 -12.27 4.33
CA VAL A 39 27.33 -13.45 5.09
C VAL A 39 28.77 -13.23 5.56
N GLU A 40 29.63 -12.73 4.68
CA GLU A 40 31.08 -12.56 4.99
C GLU A 40 31.22 -11.49 6.08
N PHE A 41 30.50 -10.39 5.92
CA PHE A 41 30.54 -9.31 6.93
C PHE A 41 30.07 -9.85 8.28
N ASN A 42 28.94 -10.59 8.31
CA ASN A 42 28.32 -11.03 9.59
C ASN A 42 29.26 -12.02 10.30
N LYS A 43 29.99 -12.84 9.54
CA LYS A 43 30.89 -13.88 10.08
C LYS A 43 31.98 -13.20 10.90
N ALA A 44 32.45 -12.02 10.50
CA ALA A 44 33.61 -11.35 11.11
C ALA A 44 33.16 -10.55 12.33
N GLN A 45 31.88 -10.33 12.50
CA GLN A 45 31.35 -9.43 13.56
C GLN A 45 30.99 -10.29 14.79
N GLN A 46 31.18 -9.78 16.00
CA GLN A 46 30.84 -10.59 17.21
C GLN A 46 29.39 -10.28 17.61
N GLY A 47 28.44 -11.01 17.02
CA GLY A 47 27.01 -10.85 17.31
C GLY A 47 26.45 -9.51 16.83
N ARG A 48 27.06 -8.91 15.80
CA ARG A 48 26.58 -7.62 15.24
C ARG A 48 26.35 -7.87 13.76
N CYS A 49 25.11 -7.79 13.31
CA CYS A 49 24.81 -8.32 11.98
C CYS A 49 24.00 -7.32 11.16
N VAL A 50 24.09 -7.46 9.84
CA VAL A 50 23.21 -6.77 8.87
C VAL A 50 22.20 -7.79 8.39
N ARG A 51 20.95 -7.36 8.31
CA ARG A 51 19.84 -8.19 7.81
C ARG A 51 19.38 -7.52 6.54
N PRO A 52 19.74 -8.03 5.36
CA PRO A 52 19.20 -7.46 4.12
C PRO A 52 17.74 -7.89 4.00
N VAL A 53 16.88 -6.92 3.60
CA VAL A 53 15.43 -7.16 3.51
C VAL A 53 15.03 -6.77 2.10
N PRO A 54 14.71 -7.76 1.26
CA PRO A 54 14.25 -7.49 -0.11
C PRO A 54 12.88 -6.82 -0.05
N GLN A 55 12.74 -5.70 -0.75
CA GLN A 55 11.51 -4.88 -0.71
C GLN A 55 10.88 -4.90 -2.08
N GLY A 56 11.33 -5.77 -2.97
CA GLY A 56 10.90 -5.86 -4.37
C GLY A 56 11.94 -5.17 -5.23
N GLY A 57 11.51 -4.50 -6.27
CA GLY A 57 12.45 -3.73 -7.10
C GLY A 57 12.68 -2.36 -6.50
N TYR A 58 13.36 -1.48 -7.19
CA TYR A 58 13.77 -0.19 -6.63
C TYR A 58 12.56 0.71 -6.38
N ARG A 59 11.57 0.62 -7.26
CA ARG A 59 10.31 1.43 -7.11
CA ARG A 59 10.37 1.49 -7.03
C ARG A 59 9.55 0.92 -5.87
N ASP A 60 9.46 -0.39 -5.73
CA ASP A 60 8.82 -0.98 -4.53
C ASP A 60 9.56 -0.53 -3.28
N LEU A 61 10.88 -0.51 -3.36
CA LEU A 61 11.70 -0.06 -2.21
C LEU A 61 11.38 1.39 -1.85
N SER A 62 11.32 2.30 -2.81
CA SER A 62 11.07 3.73 -2.48
C SER A 62 9.65 3.88 -1.86
N THR A 63 8.73 3.07 -2.35
CA THR A 63 7.33 3.02 -1.82
C THR A 63 7.38 2.50 -0.39
N LYS A 64 8.12 1.44 -0.15
CA LYS A 64 8.26 0.82 1.19
C LYS A 64 8.89 1.84 2.15
N ILE A 65 9.83 2.66 1.73
CA ILE A 65 10.47 3.65 2.63
C ILE A 65 9.46 4.78 2.87
N LYS A 66 8.71 5.16 1.84
CA LYS A 66 7.60 6.15 1.99
C LYS A 66 6.69 5.67 3.12
N ALA A 67 6.26 4.41 3.03
CA ALA A 67 5.37 3.84 4.06
C ALA A 67 6.04 3.88 5.44
N ALA A 68 7.35 3.58 5.50
CA ALA A 68 8.12 3.56 6.76
C ALA A 68 8.13 4.94 7.40
N PHE A 69 8.24 6.00 6.61
CA PHE A 69 8.22 7.37 7.15
C PHE A 69 6.82 7.60 7.70
N ALA A 70 5.79 7.25 6.93
CA ALA A 70 4.39 7.45 7.37
C ALA A 70 4.18 6.70 8.70
N ALA A 71 4.77 5.50 8.85
CA ALA A 71 4.63 4.63 10.05
C ALA A 71 5.54 5.06 11.19
N GLY A 72 6.59 5.82 10.90
CA GLY A 72 7.58 6.29 11.90
C GLY A 72 8.60 5.24 12.27
N LYS A 73 8.84 4.24 11.41
CA LYS A 73 9.82 3.15 11.69
C LYS A 73 10.68 2.91 10.43
N VAL A 74 11.80 3.59 10.32
CA VAL A 74 12.70 3.36 9.15
C VAL A 74 13.71 2.26 9.49
N PRO A 75 14.29 1.63 8.45
CA PRO A 75 15.40 0.68 8.63
C PRO A 75 16.66 1.45 9.01
N THR A 76 17.75 0.77 9.30
CA THR A 76 19.05 1.43 9.56
C THR A 76 19.60 1.96 8.25
N MET A 77 19.61 1.08 7.23
CA MET A 77 20.17 1.43 5.91
C MET A 77 19.17 1.08 4.81
N ALA A 78 19.31 1.74 3.67
CA ALA A 78 18.58 1.39 2.46
C ALA A 78 19.44 1.74 1.26
N GLN A 79 19.17 1.08 0.16
CA GLN A 79 19.61 1.60 -1.15
C GLN A 79 18.80 2.81 -1.55
N ALA A 80 19.41 3.72 -2.29
CA ALA A 80 18.77 4.99 -2.70
C ALA A 80 19.43 5.49 -3.97
N PHE A 81 18.64 5.89 -4.92
CA PHE A 81 19.17 6.72 -6.02
C PHE A 81 19.35 8.14 -5.49
N GLU A 82 20.12 8.96 -6.22
CA GLU A 82 20.38 10.35 -5.83
C GLU A 82 19.08 11.13 -5.64
N ASN A 83 18.10 10.95 -6.52
CA ASN A 83 16.80 11.67 -6.41
C ASN A 83 16.08 11.24 -5.13
N ASN A 84 16.22 10.00 -4.68
CA ASN A 84 15.65 9.41 -3.43
CA ASN A 84 15.56 9.57 -3.43
C ASN A 84 16.35 10.12 -2.27
N ILE A 85 17.67 10.24 -2.36
CA ILE A 85 18.43 10.98 -1.31
C ILE A 85 17.86 12.41 -1.19
N ALA A 86 17.68 13.14 -2.31
CA ALA A 86 17.14 14.51 -2.29
C ALA A 86 15.80 14.55 -1.53
N LEU A 87 14.97 13.55 -1.78
CA LEU A 87 13.64 13.45 -1.15
C LEU A 87 13.80 13.17 0.35
N TYR A 88 14.68 12.27 0.73
CA TYR A 88 14.82 11.92 2.17
C TYR A 88 15.43 13.09 2.90
N LEU A 89 16.19 13.92 2.20
CA LEU A 89 16.78 15.14 2.80
C LEU A 89 15.75 16.22 3.09
N GLU A 90 14.67 16.32 2.33
CA GLU A 90 13.57 17.27 2.62
C GLU A 90 13.05 17.00 4.03
N ALA A 91 13.12 15.75 4.52
CA ALA A 91 12.62 15.32 5.85
C ALA A 91 13.78 15.27 6.86
N LYS A 92 14.99 15.62 6.43
CA LYS A 92 16.21 15.59 7.28
C LYS A 92 16.34 14.19 7.87
N ALA A 93 16.14 13.14 7.08
CA ALA A 93 15.98 11.74 7.55
C ALA A 93 17.31 10.99 7.56
N LEU A 94 18.33 11.58 6.92
CA LEU A 94 19.63 10.87 6.64
C LEU A 94 20.80 11.42 7.47
N LEU A 95 21.63 10.52 7.96
CA LEU A 95 22.87 10.88 8.70
C LEU A 95 23.93 11.21 7.66
N PRO A 96 24.65 12.33 7.80
CA PRO A 96 25.86 12.52 7.02
C PRO A 96 26.82 11.35 7.26
N ILE A 97 27.37 10.83 6.19
CA ILE A 97 28.20 9.60 6.21
C ILE A 97 29.50 9.89 6.97
N GLU A 98 30.08 11.07 6.82
CA GLU A 98 31.45 11.34 7.35
C GLU A 98 31.30 11.51 8.87
N SER A 99 30.09 11.82 9.34
CA SER A 99 29.72 11.91 10.78
C SER A 99 29.85 10.52 11.43
N LEU A 100 29.66 9.41 10.71
CA LEU A 100 29.91 8.05 11.24
C LEU A 100 31.40 7.71 11.21
N GLY A 101 32.20 8.51 10.52
CA GLY A 101 33.65 8.29 10.48
C GLY A 101 33.98 7.28 9.39
N VAL A 102 33.06 7.05 8.45
CA VAL A 102 33.39 6.32 7.20
C VAL A 102 34.29 7.21 6.34
N LYS A 103 35.44 6.68 5.94
CA LYS A 103 36.40 7.39 5.09
C LYS A 103 35.99 7.22 3.63
N LEU A 104 35.96 8.30 2.88
CA LEU A 104 35.45 8.26 1.48
C LEU A 104 36.59 8.55 0.49
N GLN A 105 37.79 8.82 0.98
CA GLN A 105 38.92 9.09 0.07
C GLN A 105 39.09 7.84 -0.78
N GLY A 106 39.30 8.01 -2.08
CA GLY A 106 39.43 6.80 -2.93
C GLY A 106 38.15 6.41 -3.63
N VAL A 107 36.97 6.85 -3.15
CA VAL A 107 35.71 6.66 -3.94
C VAL A 107 35.77 7.54 -5.20
N ASN A 108 35.43 6.95 -6.34
CA ASN A 108 35.39 7.62 -7.66
C ASN A 108 34.59 8.92 -7.55
N LEU A 109 35.18 10.04 -7.99
CA LEU A 109 34.47 11.33 -7.87
C LEU A 109 33.20 11.30 -8.73
N THR A 110 33.10 10.53 -9.80
CA THR A 110 31.84 10.43 -10.61
C THR A 110 30.72 10.03 -9.65
N PHE A 111 31.06 9.18 -8.71
CA PHE A 111 30.01 8.64 -7.77
C PHE A 111 29.90 9.48 -6.52
N LEU A 112 31.00 9.95 -5.97
CA LEU A 112 31.00 10.71 -4.72
C LEU A 112 30.29 12.06 -4.91
N ASN A 113 30.54 12.76 -6.03
CA ASN A 113 29.89 14.06 -6.35
C ASN A 113 28.39 13.86 -6.30
N ALA A 114 27.91 12.69 -6.74
CA ALA A 114 26.48 12.44 -6.91
C ALA A 114 25.79 12.29 -5.55
N VAL A 115 26.50 11.93 -4.48
CA VAL A 115 25.82 11.74 -3.16
C VAL A 115 26.13 12.95 -2.25
N ARG A 116 26.71 14.01 -2.80
CA ARG A 116 27.03 15.22 -2.00
C ARG A 116 25.93 16.26 -2.21
N PHE A 117 25.28 16.69 -1.14
CA PHE A 117 24.13 17.63 -1.12
C PHE A 117 24.47 18.80 -0.20
N GLY A 118 24.49 20.01 -0.77
CA GLY A 118 25.04 21.18 -0.06
C GLY A 118 26.41 20.90 0.55
N GLY A 119 27.29 20.19 -0.15
CA GLY A 119 28.68 19.92 0.26
C GLY A 119 28.82 18.76 1.22
N VAL A 120 27.72 18.12 1.57
CA VAL A 120 27.75 17.04 2.59
C VAL A 120 27.40 15.72 1.94
N VAL A 121 28.20 14.70 2.22
CA VAL A 121 27.91 13.37 1.61
C VAL A 121 26.84 12.67 2.45
N TYR A 122 25.79 12.20 1.78
CA TYR A 122 24.67 11.52 2.48
C TYR A 122 24.45 10.12 1.97
N GLY A 123 25.28 9.61 1.06
CA GLY A 123 25.19 8.19 0.70
C GLY A 123 26.54 7.59 0.42
N VAL A 124 26.64 6.29 0.44
CA VAL A 124 27.89 5.61 0.05
C VAL A 124 27.58 4.89 -1.26
N PRO A 125 28.25 5.26 -2.34
CA PRO A 125 28.12 4.48 -3.59
C PRO A 125 28.39 3.02 -3.34
N PHE A 126 27.48 2.17 -3.76
CA PHE A 126 27.58 0.74 -3.48
C PHE A 126 27.55 -0.09 -4.73
N ASN A 127 26.41 -0.07 -5.43
CA ASN A 127 26.14 -0.84 -6.65
C ASN A 127 25.86 0.17 -7.75
N LYS A 128 26.90 0.72 -8.34
CA LYS A 128 26.78 1.72 -9.39
C LYS A 128 27.04 1.07 -10.77
N SER A 129 26.12 1.28 -11.70
CA SER A 129 26.21 0.68 -13.05
C SER A 129 26.44 1.77 -14.09
N ILE A 130 26.94 1.34 -15.24
CA ILE A 130 27.00 2.24 -16.41
C ILE A 130 26.36 1.51 -17.59
N GLN A 131 25.76 2.25 -18.50
CA GLN A 131 25.34 1.58 -19.72
C GLN A 131 26.54 1.15 -20.55
N VAL A 132 26.41 0.01 -21.21
CA VAL A 132 27.40 -0.48 -22.19
C VAL A 132 26.70 -0.95 -23.42
N LEU A 133 27.51 -1.16 -24.47
CA LEU A 133 26.99 -1.75 -25.70
C LEU A 133 27.23 -3.25 -25.60
N TYR A 134 26.13 -3.98 -25.45
CA TYR A 134 26.15 -5.44 -25.58
C TYR A 134 26.02 -5.78 -27.05
N TYR A 135 26.73 -6.79 -27.52
CA TYR A 135 26.56 -7.12 -28.96
C TYR A 135 26.86 -8.61 -29.20
N ASN A 136 26.46 -9.01 -30.38
CA ASN A 136 26.56 -10.41 -30.84
C ASN A 136 27.81 -10.53 -31.70
N LYS A 137 28.91 -10.98 -31.12
CA LYS A 137 30.16 -10.98 -31.87
C LYS A 137 30.01 -11.85 -33.10
N ASP A 138 29.31 -12.99 -33.00
CA ASP A 138 29.24 -13.93 -34.14
C ASP A 138 28.45 -13.28 -35.28
N LEU A 139 27.38 -12.56 -34.96
CA LEU A 139 26.55 -11.96 -36.03
C LEU A 139 27.32 -10.81 -36.70
N LEU A 140 28.08 -10.04 -35.93
CA LEU A 140 28.87 -8.97 -36.59
C LEU A 140 29.94 -9.59 -37.47
N LYS A 141 30.65 -10.59 -36.98
CA LYS A 141 31.72 -11.27 -37.78
C LYS A 141 31.11 -11.88 -39.03
N LYS A 142 29.96 -12.52 -38.89
CA LYS A 142 29.32 -13.22 -40.04
C LYS A 142 29.20 -12.23 -41.21
N HIS A 143 28.80 -10.99 -40.93
CA HIS A 143 28.39 -9.96 -41.94
C HIS A 143 29.50 -8.93 -42.21
N GLY A 144 30.65 -9.10 -41.56
CA GLY A 144 31.78 -8.18 -41.72
C GLY A 144 31.50 -6.79 -41.18
N VAL A 145 30.72 -6.68 -40.10
CA VAL A 145 30.33 -5.37 -39.56
C VAL A 145 31.18 -5.07 -38.34
N PRO A 146 32.00 -3.98 -38.37
CA PRO A 146 32.77 -3.59 -37.19
C PRO A 146 31.85 -3.15 -36.06
N VAL A 147 32.36 -3.28 -34.84
CA VAL A 147 31.63 -2.75 -33.68
C VAL A 147 31.55 -1.25 -33.92
N PRO A 148 30.36 -0.66 -33.83
CA PRO A 148 30.18 0.76 -34.13
C PRO A 148 30.77 1.63 -33.02
N ALA A 149 31.50 2.64 -33.46
CA ALA A 149 32.15 3.58 -32.56
C ALA A 149 31.34 4.86 -32.52
N THR A 150 30.49 5.14 -33.51
CA THR A 150 29.71 6.37 -33.54
C THR A 150 28.24 6.04 -33.71
N LEU A 151 27.41 6.99 -33.36
CA LEU A 151 25.95 6.82 -33.46
C LEU A 151 25.60 6.61 -34.93
N GLU A 152 26.30 7.33 -35.82
CA GLU A 152 26.07 7.14 -37.28
C GLU A 152 26.42 5.70 -37.64
N GLU A 153 27.55 5.19 -37.17
CA GLU A 153 27.96 3.83 -37.55
C GLU A 153 26.96 2.85 -36.93
N PHE A 154 26.45 3.18 -35.73
CA PHE A 154 25.55 2.27 -34.99
CA PHE A 154 25.55 2.28 -34.99
C PHE A 154 24.27 2.11 -35.80
N VAL A 155 23.68 3.21 -36.24
CA VAL A 155 22.46 3.16 -37.07
C VAL A 155 22.73 2.41 -38.38
N ALA A 156 23.84 2.69 -39.03
CA ALA A 156 24.19 2.05 -40.33
C ALA A 156 24.32 0.54 -40.10
N ALA A 157 24.98 0.14 -39.01
CA ALA A 157 25.22 -1.28 -38.70
C ALA A 157 23.87 -1.94 -38.43
N ALA A 158 23.00 -1.28 -37.65
CA ALA A 158 21.68 -1.87 -37.31
C ALA A 158 20.86 -2.08 -38.59
N LYS A 159 20.92 -1.12 -39.51
CA LYS A 159 20.17 -1.25 -40.79
C LYS A 159 20.75 -2.38 -41.64
N LYS A 160 22.09 -2.50 -41.73
CA LYS A 160 22.73 -3.48 -42.62
C LYS A 160 22.44 -4.89 -42.08
N LEU A 161 22.55 -5.06 -40.75
CA LEU A 161 22.38 -6.38 -40.14
C LEU A 161 20.91 -6.76 -40.15
N SER A 162 20.02 -5.81 -39.90
CA SER A 162 18.55 -6.10 -39.93
C SER A 162 18.16 -6.55 -41.34
N ARG A 163 18.67 -5.87 -42.36
CA ARG A 163 18.35 -6.30 -43.76
C ARG A 163 18.93 -7.71 -44.00
N ALA A 164 20.17 -7.97 -43.63
CA ALA A 164 20.85 -9.26 -43.85
C ALA A 164 20.14 -10.40 -43.11
N GLU A 165 19.58 -10.13 -41.92
CA GLU A 165 19.03 -11.19 -41.04
C GLU A 165 17.50 -11.22 -41.09
N GLY A 166 16.86 -10.21 -41.67
CA GLY A 166 15.41 -10.18 -41.88
C GLY A 166 14.66 -9.90 -40.60
N GLY A 167 15.30 -9.25 -39.64
CA GLY A 167 14.63 -8.88 -38.38
C GLY A 167 15.35 -7.72 -37.75
N PRO A 168 14.69 -6.91 -36.89
CA PRO A 168 15.35 -5.78 -36.21
C PRO A 168 16.37 -6.29 -35.19
N VAL A 169 17.62 -5.86 -35.35
CA VAL A 169 18.74 -6.43 -34.56
C VAL A 169 19.11 -5.55 -33.40
N TYR A 170 18.66 -4.30 -33.35
CA TYR A 170 18.93 -3.41 -32.21
C TYR A 170 17.72 -3.53 -31.26
N TRP A 171 17.91 -4.10 -30.10
CA TRP A 171 16.81 -4.43 -29.14
C TRP A 171 16.86 -3.41 -28.01
N PHE A 172 15.72 -2.89 -27.63
CA PHE A 172 15.69 -1.87 -26.59
C PHE A 172 14.39 -1.97 -25.83
N GLN A 173 14.48 -1.60 -24.57
CA GLN A 173 13.30 -1.32 -23.72
C GLN A 173 12.88 0.12 -23.98
N PRO A 174 11.60 0.40 -24.24
CA PRO A 174 11.13 1.78 -24.43
C PRO A 174 10.96 2.51 -23.11
N ASP A 175 12.09 2.85 -22.54
CA ASP A 175 12.11 3.42 -21.17
C ASP A 175 13.02 4.64 -21.08
N ALA A 176 12.91 5.33 -19.94
CA ALA A 176 13.68 6.53 -19.68
C ALA A 176 15.17 6.22 -19.78
N SER A 177 15.60 5.04 -19.33
CA SER A 177 17.06 4.71 -19.27
C SER A 177 17.61 4.64 -20.71
N THR A 178 16.88 3.93 -21.56
CA THR A 178 17.38 3.79 -22.97
C THR A 178 17.32 5.15 -23.66
N PHE A 179 16.24 5.89 -23.48
CA PHE A 179 16.11 7.24 -24.05
C PHE A 179 17.29 8.11 -23.63
N ALA A 180 17.76 8.01 -22.37
CA ALA A 180 18.84 8.90 -21.85
C ALA A 180 20.09 8.69 -22.71
N TYR A 181 20.38 7.48 -23.14
CA TYR A 181 21.59 7.18 -23.93
C TYR A 181 21.50 7.98 -25.23
N PHE A 182 20.40 7.94 -25.95
CA PHE A 182 20.27 8.68 -27.21
C PHE A 182 20.20 10.18 -26.98
N PHE A 183 19.44 10.60 -25.98
CA PHE A 183 19.28 12.02 -25.65
C PHE A 183 20.62 12.66 -25.33
N PHE A 184 21.37 12.06 -24.41
CA PHE A 184 22.67 12.62 -24.01
C PHE A 184 23.64 12.68 -25.18
N ASN A 185 23.65 11.67 -26.01
CA ASN A 185 24.65 11.60 -27.12
C ASN A 185 24.19 12.38 -28.34
N LEU A 186 22.95 12.88 -28.36
CA LEU A 186 22.54 13.87 -29.35
C LEU A 186 22.71 15.30 -28.83
N GLY A 187 23.34 15.49 -27.67
CA GLY A 187 23.66 16.80 -27.08
C GLY A 187 22.64 17.25 -26.08
N GLY A 188 21.75 16.36 -25.65
CA GLY A 188 20.66 16.76 -24.76
C GLY A 188 21.10 17.10 -23.35
N SER A 189 20.36 18.02 -22.74
CA SER A 189 20.51 18.30 -21.29
C SER A 189 19.13 18.44 -20.68
N TYR A 190 18.92 17.80 -19.54
CA TYR A 190 17.60 17.84 -18.86
C TYR A 190 17.32 19.20 -18.22
N LEU A 191 18.33 19.94 -17.84
CA LEU A 191 18.10 21.24 -17.14
C LEU A 191 18.57 22.35 -18.04
N LYS A 192 17.71 23.33 -18.27
CA LYS A 192 18.06 24.58 -18.99
C LYS A 192 17.78 25.73 -18.06
N ASP A 193 18.82 26.47 -17.67
CA ASP A 193 18.68 27.66 -16.78
C ASP A 193 17.86 27.23 -15.56
N GLY A 194 18.20 26.08 -14.98
CA GLY A 194 17.59 25.57 -13.74
C GLY A 194 16.28 24.85 -13.96
N LYS A 195 15.73 24.88 -15.18
CA LYS A 195 14.39 24.33 -15.40
C LYS A 195 14.48 22.92 -15.98
N LEU A 196 13.66 22.00 -15.52
CA LEU A 196 13.54 20.68 -16.19
C LEU A 196 12.84 20.88 -17.52
N VAL A 197 13.49 20.38 -18.58
CA VAL A 197 12.91 20.40 -19.95
C VAL A 197 12.96 18.96 -20.54
N LEU A 198 11.79 18.42 -20.81
CA LEU A 198 11.66 17.03 -21.35
C LEU A 198 11.39 17.06 -22.87
N ASN A 199 11.18 18.22 -23.46
CA ASN A 199 10.63 18.37 -24.83
C ASN A 199 11.52 19.26 -25.72
N SER A 200 12.81 19.24 -25.43
CA SER A 200 13.86 19.99 -26.17
C SER A 200 14.03 19.36 -27.53
N LYS A 201 14.67 20.10 -28.45
CA LYS A 201 14.86 19.51 -29.79
C LYS A 201 15.63 18.20 -29.69
N GLU A 202 16.57 18.08 -28.77
CA GLU A 202 17.35 16.83 -28.65
C GLU A 202 16.49 15.67 -28.13
N ALA A 203 15.57 15.99 -27.24
CA ALA A 203 14.67 14.96 -26.70
C ALA A 203 13.85 14.42 -27.86
N VAL A 204 13.31 15.33 -28.66
CA VAL A 204 12.48 14.93 -29.82
C VAL A 204 13.32 14.15 -30.80
N GLU A 205 14.48 14.64 -31.12
CA GLU A 205 15.41 13.88 -32.01
C GLU A 205 15.67 12.46 -31.50
N ALA A 206 15.94 12.30 -30.21
CA ALA A 206 16.25 10.99 -29.60
C ALA A 206 15.03 10.07 -29.75
N LEU A 207 13.86 10.54 -29.37
CA LEU A 207 12.62 9.73 -29.41
C LEU A 207 12.26 9.44 -30.88
N THR A 208 12.45 10.41 -31.76
CA THR A 208 12.23 10.22 -33.22
C THR A 208 13.19 9.15 -33.78
N LEU A 209 14.43 9.09 -33.29
CA LEU A 209 15.41 8.10 -33.83
C LEU A 209 14.93 6.72 -33.47
N LEU A 210 14.53 6.54 -32.21
CA LEU A 210 13.96 5.25 -31.77
C LEU A 210 12.71 4.87 -32.55
N GLN A 211 11.74 5.79 -32.71
CA GLN A 211 10.50 5.48 -33.39
C GLN A 211 10.77 5.12 -34.85
N ASN A 212 11.61 5.93 -35.49
CA ASN A 212 12.04 5.64 -36.88
C ASN A 212 12.73 4.26 -36.96
N GLY A 213 13.59 3.90 -36.00
CA GLY A 213 14.24 2.59 -36.04
C GLY A 213 13.20 1.47 -35.99
N VAL A 214 12.15 1.63 -35.22
CA VAL A 214 11.05 0.61 -35.16
C VAL A 214 10.38 0.59 -36.54
N LYS A 215 10.02 1.75 -37.05
CA LYS A 215 9.31 1.83 -38.36
C LYS A 215 10.15 1.23 -39.49
N GLU A 216 11.45 1.47 -39.47
CA GLU A 216 12.40 1.11 -40.56
C GLU A 216 12.85 -0.34 -40.37
N GLY A 217 12.55 -0.98 -39.25
CA GLY A 217 12.72 -2.42 -39.13
C GLY A 217 14.09 -2.77 -38.58
N TRP A 218 14.80 -1.83 -37.96
CA TRP A 218 16.15 -2.12 -37.39
C TRP A 218 16.13 -2.08 -35.88
N ALA A 219 15.07 -1.57 -35.24
CA ALA A 219 14.99 -1.43 -33.77
C ALA A 219 13.79 -2.23 -33.25
N LYS A 220 14.04 -3.06 -32.27
CA LYS A 220 13.05 -4.04 -31.74
C LYS A 220 12.66 -3.67 -30.33
N PRO A 221 11.44 -3.15 -30.09
CA PRO A 221 11.03 -2.89 -28.72
C PRO A 221 10.89 -4.18 -27.92
N ILE A 222 11.38 -4.20 -26.69
CA ILE A 222 11.28 -5.36 -25.77
C ILE A 222 10.36 -4.94 -24.65
N THR A 223 9.19 -5.59 -24.56
CA THR A 223 8.12 -5.09 -23.66
C THR A 223 7.86 -6.05 -22.52
N SER A 224 8.44 -7.24 -22.59
CA SER A 224 8.21 -8.28 -21.57
C SER A 224 9.57 -8.85 -21.18
N GLY A 225 9.98 -8.52 -19.96
CA GLY A 225 11.24 -8.91 -19.33
C GLY A 225 12.43 -8.11 -19.84
N TYR A 226 13.58 -8.45 -19.30
CA TYR A 226 14.85 -7.85 -19.67
C TYR A 226 15.24 -8.29 -21.05
N ILE A 227 16.04 -7.47 -21.72
CA ILE A 227 16.52 -7.88 -23.05
C ILE A 227 17.14 -9.27 -23.04
N ASN A 228 18.03 -9.53 -22.09
CA ASN A 228 18.79 -10.79 -22.04
C ASN A 228 17.80 -11.96 -21.84
N GLN A 229 16.66 -11.71 -21.22
CA GLN A 229 15.58 -12.74 -21.08
C GLN A 229 14.81 -12.99 -22.37
N ASN A 230 15.05 -12.23 -23.42
CA ASN A 230 14.35 -12.34 -24.71
C ASN A 230 15.27 -12.90 -25.80
N LEU A 231 16.53 -13.12 -25.49
CA LEU A 231 17.52 -13.58 -26.51
C LEU A 231 17.09 -14.96 -26.97
N GLY A 232 17.34 -15.28 -28.24
CA GLY A 232 16.95 -16.60 -28.80
C GLY A 232 15.75 -16.46 -29.71
N SER A 233 14.99 -15.38 -29.54
CA SER A 233 13.81 -15.07 -30.37
C SER A 233 14.20 -13.98 -31.37
N GLY A 234 14.60 -14.39 -32.54
CA GLY A 234 14.94 -13.46 -33.61
C GLY A 234 16.40 -13.04 -33.48
N PRO A 235 16.92 -12.50 -34.59
CA PRO A 235 18.32 -12.09 -34.61
C PRO A 235 18.56 -10.88 -33.70
N TYR A 236 19.65 -10.96 -32.97
CA TYR A 236 20.08 -9.88 -32.06
C TYR A 236 21.48 -9.49 -32.43
N ALA A 237 21.74 -8.20 -32.54
CA ALA A 237 23.11 -7.69 -32.75
C ALA A 237 23.55 -6.82 -31.60
N PHE A 238 22.64 -6.02 -31.07
CA PHE A 238 23.08 -4.97 -30.13
C PHE A 238 22.02 -4.65 -29.13
N SER A 239 22.43 -4.31 -27.91
CA SER A 239 21.56 -3.51 -27.03
C SER A 239 22.45 -2.54 -26.26
N VAL A 240 21.82 -1.50 -25.76
CA VAL A 240 22.43 -0.55 -24.79
C VAL A 240 21.75 -0.81 -23.48
N ASP A 241 22.51 -1.23 -22.46
CA ASP A 241 21.91 -1.79 -21.25
C ASP A 241 22.91 -1.65 -20.11
N THR A 242 22.35 -1.73 -18.91
CA THR A 242 23.17 -1.61 -17.73
C THR A 242 24.23 -2.69 -17.70
N SER A 243 25.39 -2.30 -17.20
CA SER A 243 26.46 -3.26 -16.88
C SER A 243 26.06 -4.18 -15.77
N ALA A 244 25.12 -3.82 -14.89
CA ALA A 244 24.64 -4.73 -13.83
C ALA A 244 24.01 -5.98 -14.43
N GLY A 245 23.65 -5.99 -15.73
CA GLY A 245 23.08 -7.19 -16.36
C GLY A 245 24.16 -8.08 -16.95
N TYR A 246 25.42 -7.74 -16.81
CA TYR A 246 26.52 -8.41 -17.55
C TYR A 246 26.39 -9.94 -17.39
N THR A 247 26.35 -10.42 -16.15
CA THR A 247 26.48 -11.88 -15.93
C THR A 247 25.17 -12.57 -16.37
N ALA A 248 24.01 -11.91 -16.36
CA ALA A 248 22.74 -12.38 -16.97
C ALA A 248 22.93 -12.51 -18.48
N TYR A 249 23.53 -11.52 -19.14
CA TYR A 249 23.74 -11.69 -20.60
C TYR A 249 24.66 -12.88 -20.85
N LEU A 250 25.76 -12.98 -20.10
CA LEU A 250 26.76 -14.05 -20.30
C LEU A 250 26.07 -15.40 -20.17
N ARG A 251 25.26 -15.58 -19.14
CA ARG A 251 24.51 -16.85 -18.87
C ARG A 251 23.51 -17.11 -19.99
N ALA A 252 22.83 -16.11 -20.56
CA ALA A 252 21.68 -16.32 -21.49
C ALA A 252 22.17 -16.48 -22.93
N ALA A 253 23.26 -15.79 -23.32
CA ALA A 253 23.62 -15.73 -24.74
C ALA A 253 24.05 -17.11 -25.23
N LYS A 254 23.49 -17.53 -26.36
CA LYS A 254 23.91 -18.79 -27.02
C LYS A 254 25.01 -18.54 -28.05
N PHE A 255 25.30 -17.29 -28.27
CA PHE A 255 26.26 -16.71 -29.23
C PHE A 255 27.39 -16.13 -28.38
N ASP A 256 28.49 -15.76 -29.03
CA ASP A 256 29.66 -15.15 -28.37
C ASP A 256 29.31 -13.71 -28.04
N LEU A 257 29.12 -13.41 -26.76
CA LEU A 257 28.71 -12.08 -26.30
C LEU A 257 29.91 -11.16 -26.32
N GLY A 258 29.68 -9.99 -26.84
CA GLY A 258 30.61 -8.88 -26.84
C GLY A 258 30.15 -7.78 -25.95
N VAL A 259 31.09 -7.08 -25.31
CA VAL A 259 30.83 -5.78 -24.66
C VAL A 259 31.76 -4.75 -25.23
N ALA A 260 31.20 -3.64 -25.61
CA ALA A 260 31.98 -2.49 -26.11
C ALA A 260 31.57 -1.22 -25.36
N THR A 261 32.44 -0.21 -25.46
CA THR A 261 32.05 1.12 -25.05
C THR A 261 30.93 1.63 -25.97
N LEU A 262 30.21 2.63 -25.49
CA LEU A 262 29.05 3.15 -26.24
C LEU A 262 29.46 3.88 -27.47
N PRO A 263 28.67 3.78 -28.56
CA PRO A 263 28.87 4.73 -29.65
C PRO A 263 28.65 6.19 -29.23
N GLY A 264 29.56 7.04 -29.69
CA GLY A 264 29.54 8.47 -29.40
C GLY A 264 29.25 9.28 -30.66
N ARG A 265 29.10 10.59 -30.50
CA ARG A 265 28.97 11.46 -31.69
C ARG A 265 30.12 11.26 -32.66
N THR A 266 31.37 11.26 -32.17
CA THR A 266 32.56 11.03 -33.04
C THR A 266 33.43 9.94 -32.43
N LYS A 267 34.44 9.53 -33.18
CA LYS A 267 35.39 8.52 -32.68
C LYS A 267 36.35 9.15 -31.66
N GLY A 268 36.30 10.48 -31.44
CA GLY A 268 37.17 11.16 -30.49
C GLY A 268 36.89 10.76 -29.07
N GLN A 269 35.74 10.15 -28.81
CA GLN A 269 35.34 9.81 -27.44
C GLN A 269 34.17 8.84 -27.46
N PRO A 270 34.13 7.87 -26.53
CA PRO A 270 32.95 7.03 -26.42
C PRO A 270 31.71 7.88 -26.07
N GLY A 271 30.54 7.33 -26.38
CA GLY A 271 29.25 7.88 -25.93
C GLY A 271 29.19 7.94 -24.43
N TYR A 272 28.37 8.86 -23.91
CA TYR A 272 28.05 8.88 -22.49
C TYR A 272 27.04 7.79 -22.19
N GLY A 273 27.30 7.13 -21.11
CA GLY A 273 26.36 6.14 -20.59
C GLY A 273 25.63 6.71 -19.38
N LEU A 274 24.43 6.24 -19.10
CA LEU A 274 23.64 6.59 -17.90
C LEU A 274 24.18 5.80 -16.72
N VAL A 275 24.45 6.50 -15.65
CA VAL A 275 24.78 5.84 -14.36
C VAL A 275 23.48 5.43 -13.69
N GLN A 276 23.40 4.18 -13.28
CA GLN A 276 22.25 3.72 -12.49
C GLN A 276 22.76 2.91 -11.29
N GLY A 277 21.91 2.12 -10.63
CA GLY A 277 22.28 1.49 -9.36
C GLY A 277 22.20 2.49 -8.26
N THR A 278 22.64 2.08 -7.07
CA THR A 278 22.28 2.81 -5.87
C THR A 278 23.42 2.98 -4.92
N ASN A 279 23.14 3.90 -4.02
CA ASN A 279 23.97 4.31 -2.87
C ASN A 279 23.34 3.73 -1.61
N LEU A 280 24.13 3.49 -0.59
CA LEU A 280 23.58 3.17 0.73
C LEU A 280 23.44 4.43 1.57
N VAL A 281 22.30 4.57 2.21
CA VAL A 281 22.06 5.68 3.14
C VAL A 281 21.78 5.10 4.53
N VAL A 282 22.01 5.94 5.51
CA VAL A 282 21.89 5.58 6.96
C VAL A 282 20.88 6.52 7.58
N PHE A 283 19.80 5.99 8.12
CA PHE A 283 18.71 6.86 8.63
C PHE A 283 19.01 7.34 10.04
N ARG A 284 18.73 8.61 10.29
CA ARG A 284 18.92 9.26 11.63
C ARG A 284 18.20 8.50 12.73
N GLN A 285 17.04 7.93 12.43
CA GLN A 285 16.19 7.26 13.46
C GLN A 285 16.93 6.06 14.06
N ALA A 286 17.92 5.52 13.38
CA ALA A 286 18.66 4.32 13.85
C ALA A 286 19.30 4.58 15.24
N SER A 287 19.27 3.57 16.10
CA SER A 287 19.98 3.59 17.41
C SER A 287 21.49 3.70 17.17
N LYS A 288 22.20 4.24 18.15
CA LYS A 288 23.68 4.38 18.18
C LYS A 288 24.29 3.01 17.83
N GLU A 289 23.77 1.93 18.42
CA GLU A 289 24.30 0.55 18.22
C GLU A 289 24.06 0.15 16.76
N GLU A 290 22.87 0.41 16.19
CA GLU A 290 22.60 0.09 14.76
C GLU A 290 23.53 0.94 13.87
N GLN A 291 23.69 2.20 14.23
CA GLN A 291 24.53 3.12 13.40
C GLN A 291 25.99 2.65 13.39
N ALA A 292 26.49 2.10 14.49
CA ALA A 292 27.87 1.55 14.52
C ALA A 292 27.97 0.31 13.63
N VAL A 293 26.94 -0.52 13.57
CA VAL A 293 26.94 -1.65 12.61
C VAL A 293 26.99 -1.07 11.19
N ALA A 294 26.13 -0.09 10.89
CA ALA A 294 26.16 0.60 9.58
C ALA A 294 27.58 1.12 9.26
N LYS A 295 28.24 1.77 10.20
CA LYS A 295 29.60 2.28 9.96
C LYS A 295 30.53 1.13 9.53
N ASP A 296 30.54 0.05 10.29
CA ASP A 296 31.42 -1.11 9.99
C ASP A 296 31.01 -1.71 8.64
N PHE A 297 29.71 -1.82 8.36
CA PHE A 297 29.27 -2.46 7.11
C PHE A 297 29.70 -1.58 5.93
N LEU A 298 29.56 -0.25 6.08
CA LEU A 298 29.91 0.67 4.98
C LEU A 298 31.42 0.65 4.75
N GLU A 299 32.25 0.59 5.78
CA GLU A 299 33.72 0.41 5.56
C GLU A 299 33.98 -0.90 4.82
N PHE A 300 33.27 -1.97 5.20
CA PHE A 300 33.45 -3.28 4.54
C PHE A 300 33.06 -3.19 3.07
N VAL A 301 31.91 -2.55 2.76
CA VAL A 301 31.42 -2.42 1.36
C VAL A 301 32.42 -1.65 0.53
N LEU A 302 33.09 -0.68 1.11
CA LEU A 302 34.08 0.16 0.40
C LEU A 302 35.46 -0.52 0.32
N SER A 303 35.63 -1.70 0.93
CA SER A 303 36.97 -2.36 0.96
C SER A 303 37.25 -2.91 -0.42
N PRO A 304 38.53 -2.95 -0.82
CA PRO A 304 38.81 -3.35 -2.18
C PRO A 304 38.31 -4.79 -2.49
N ARG A 305 38.44 -5.71 -1.53
CA ARG A 305 38.03 -7.10 -1.75
C ARG A 305 36.51 -7.20 -1.92
N ALA A 306 35.75 -6.60 -1.03
CA ALA A 306 34.29 -6.54 -1.21
C ALA A 306 33.94 -5.98 -2.56
N GLN A 307 34.53 -4.87 -2.96
CA GLN A 307 34.17 -4.23 -4.25
C GLN A 307 34.56 -5.18 -5.38
N ALA A 308 35.72 -5.79 -5.29
CA ALA A 308 36.26 -6.66 -6.33
C ALA A 308 35.31 -7.85 -6.54
N VAL A 309 34.89 -8.50 -5.48
CA VAL A 309 34.04 -9.73 -5.57
C VAL A 309 32.65 -9.31 -6.08
N PHE A 310 32.12 -8.23 -5.54
CA PHE A 310 30.76 -7.76 -5.94
C PHE A 310 30.73 -7.31 -7.38
N ALA A 311 31.72 -6.52 -7.84
CA ALA A 311 31.72 -6.01 -9.21
C ALA A 311 31.93 -7.17 -10.20
N THR A 312 32.85 -8.07 -9.91
CA THR A 312 33.14 -9.20 -10.83
C THR A 312 31.99 -10.20 -10.85
N ALA A 313 31.16 -10.29 -9.82
CA ALA A 313 30.01 -11.21 -9.78
C ALA A 313 28.87 -10.67 -10.65
N THR A 314 28.87 -9.36 -10.88
CA THR A 314 27.69 -8.65 -11.41
C THR A 314 27.95 -7.86 -12.68
N GLY A 315 29.03 -7.10 -12.82
CA GLY A 315 29.06 -6.07 -13.87
C GLY A 315 28.91 -4.68 -13.32
N TYR A 316 28.61 -4.56 -12.05
CA TYR A 316 28.64 -3.21 -11.47
C TYR A 316 30.05 -2.65 -11.60
N VAL A 317 30.14 -1.31 -11.48
CA VAL A 317 31.43 -0.61 -11.65
C VAL A 317 32.07 -0.59 -10.26
N PRO A 318 33.31 -1.05 -10.03
CA PRO A 318 33.91 -0.88 -8.70
C PRO A 318 33.98 0.58 -8.34
N VAL A 319 33.55 0.96 -7.12
CA VAL A 319 33.38 2.38 -6.82
C VAL A 319 34.67 3.00 -6.30
N THR A 320 35.74 2.23 -6.05
CA THR A 320 36.95 2.81 -5.45
C THR A 320 38.12 2.51 -6.36
N GLU A 321 39.10 3.39 -6.31
CA GLU A 321 40.40 3.13 -6.96
C GLU A 321 41.00 1.82 -6.40
N GLY A 322 40.88 1.56 -5.10
CA GLY A 322 41.52 0.39 -4.47
C GLY A 322 41.02 -0.95 -5.02
N ALA A 323 39.75 -0.99 -5.45
CA ALA A 323 39.14 -2.22 -5.95
C ALA A 323 39.91 -2.67 -7.19
N LEU A 324 40.33 -1.70 -8.02
CA LEU A 324 40.95 -2.07 -9.30
C LEU A 324 42.33 -2.66 -9.06
N LYS A 325 42.91 -2.37 -7.91
CA LYS A 325 44.25 -2.87 -7.55
C LYS A 325 44.14 -4.17 -6.77
N ASP A 326 42.96 -4.66 -6.48
CA ASP A 326 42.82 -5.90 -5.70
C ASP A 326 43.08 -7.09 -6.59
N PRO A 327 43.92 -8.04 -6.16
CA PRO A 327 44.25 -9.22 -6.96
C PRO A 327 43.07 -10.04 -7.48
N VAL A 328 41.99 -10.11 -6.73
CA VAL A 328 40.83 -10.91 -7.20
C VAL A 328 40.20 -10.18 -8.40
N TYR A 329 40.07 -8.84 -8.32
CA TYR A 329 39.61 -8.05 -9.47
C TYR A 329 40.57 -8.31 -10.64
N GLN A 330 41.88 -8.23 -10.39
CA GLN A 330 42.90 -8.29 -11.45
C GLN A 330 42.82 -9.65 -12.13
N ALA A 331 42.60 -10.70 -11.34
CA ALA A 331 42.50 -12.07 -11.88
C ALA A 331 41.29 -12.14 -12.84
N TYR A 332 40.09 -11.68 -12.43
CA TYR A 332 38.92 -11.70 -13.29
C TYR A 332 39.22 -10.89 -14.56
N ALA A 333 39.76 -9.68 -14.41
CA ALA A 333 39.99 -8.78 -15.57
C ALA A 333 40.98 -9.43 -16.54
N ALA A 334 41.99 -10.08 -16.01
CA ALA A 334 43.03 -10.67 -16.86
C ALA A 334 42.38 -11.77 -17.74
N GLU A 335 41.36 -12.47 -17.28
CA GLU A 335 40.73 -13.61 -18.01
C GLU A 335 39.57 -13.08 -18.87
N ASN A 336 39.10 -11.89 -18.58
CA ASN A 336 37.84 -11.44 -19.23
C ASN A 336 37.95 -9.95 -19.47
N PRO A 337 38.22 -9.49 -20.71
CA PRO A 337 38.41 -8.07 -20.99
C PRO A 337 37.16 -7.20 -20.85
N ASP A 338 36.02 -7.83 -20.61
CA ASP A 338 34.75 -7.07 -20.50
C ASP A 338 34.75 -6.25 -19.21
N TYR A 339 35.49 -6.66 -18.17
CA TYR A 339 35.48 -5.88 -16.91
C TYR A 339 36.16 -4.55 -17.13
N ALA A 340 37.30 -4.56 -17.83
CA ALA A 340 38.03 -3.32 -18.16
C ALA A 340 37.14 -2.45 -19.07
N THR A 341 36.38 -3.07 -19.93
CA THR A 341 35.48 -2.30 -20.86
C THR A 341 34.45 -1.52 -20.04
N ILE A 342 33.85 -2.19 -19.10
CA ILE A 342 32.91 -1.56 -18.13
C ILE A 342 33.59 -0.38 -17.42
N VAL A 343 34.78 -0.59 -16.85
CA VAL A 343 35.51 0.54 -16.20
C VAL A 343 35.82 1.65 -17.20
N ARG A 344 36.26 1.35 -18.42
CA ARG A 344 36.53 2.42 -19.39
CA ARG A 344 36.52 2.36 -19.48
C ARG A 344 35.24 3.18 -19.67
N GLN A 345 34.13 2.48 -19.80
CA GLN A 345 32.87 3.19 -20.13
C GLN A 345 32.47 4.07 -18.93
N SER A 346 32.84 3.67 -17.70
CA SER A 346 32.41 4.39 -16.49
C SER A 346 33.08 5.75 -16.43
N ARG A 347 34.14 5.98 -17.20
CA ARG A 347 34.77 7.34 -17.33
C ARG A 347 33.89 8.34 -18.09
N TYR A 348 32.93 7.86 -18.87
CA TYR A 348 32.05 8.67 -19.73
C TYR A 348 30.61 8.46 -19.29
N ALA A 349 30.22 9.24 -18.27
CA ALA A 349 29.13 8.85 -17.39
C ALA A 349 28.29 10.08 -17.10
N LYS A 350 26.98 9.97 -17.27
CA LYS A 350 26.07 11.09 -17.00
C LYS A 350 24.92 10.58 -16.11
N PHE A 351 24.44 11.48 -15.30
CA PHE A 351 23.33 11.19 -14.37
C PHE A 351 22.10 12.00 -14.82
N GLU A 352 20.95 11.41 -14.54
CA GLU A 352 19.67 12.13 -14.60
C GLU A 352 19.61 13.13 -13.46
N PRO A 353 18.59 13.98 -13.53
CA PRO A 353 18.46 15.02 -12.50
C PRO A 353 18.23 14.44 -11.10
N ALA A 354 18.78 15.10 -10.09
CA ALA A 354 18.60 14.62 -8.70
C ALA A 354 17.41 15.32 -8.03
N LEU A 355 16.38 15.67 -8.78
CA LEU A 355 15.16 16.30 -8.23
C LEU A 355 14.46 15.28 -7.37
N ALA A 356 13.88 15.69 -6.24
CA ALA A 356 13.15 14.77 -5.38
C ALA A 356 12.01 14.05 -6.12
N GLU A 357 11.38 14.72 -7.09
CA GLU A 357 10.22 14.23 -7.85
C GLU A 357 10.68 13.36 -9.04
N TRP A 358 11.96 13.20 -9.25
CA TRP A 358 12.42 12.55 -10.48
C TRP A 358 11.91 11.10 -10.63
N GLU A 359 11.86 10.30 -9.56
CA GLU A 359 11.40 8.91 -9.74
C GLU A 359 10.03 8.92 -10.43
N GLN A 360 9.09 9.69 -9.91
CA GLN A 360 7.77 9.81 -10.50
C GLN A 360 7.89 10.32 -11.94
N ILE A 361 8.73 11.30 -12.21
CA ILE A 361 8.76 11.88 -13.58
C ILE A 361 9.34 10.83 -14.52
N ARG A 362 10.43 10.16 -14.12
CA ARG A 362 11.11 9.30 -15.11
C ARG A 362 10.23 8.11 -15.50
N PHE A 363 9.40 7.58 -14.60
CA PHE A 363 8.55 6.42 -14.92
C PHE A 363 7.15 6.82 -15.43
N ASP A 364 6.45 7.61 -14.64
CA ASP A 364 5.01 7.93 -14.89
C ASP A 364 4.83 8.98 -15.98
N ILE A 365 5.82 9.84 -16.26
CA ILE A 365 5.64 11.00 -17.17
C ILE A 365 6.55 10.82 -18.40
N LEU A 366 7.86 10.83 -18.21
CA LEU A 366 8.81 10.65 -19.33
C LEU A 366 8.67 9.21 -19.90
N GLY A 367 8.77 8.18 -19.07
CA GLY A 367 8.63 6.77 -19.49
C GLY A 367 7.34 6.58 -20.26
N GLN A 368 6.24 7.14 -19.77
CA GLN A 368 4.93 6.99 -20.46
C GLN A 368 4.98 7.66 -21.82
N ALA A 369 5.57 8.85 -21.95
CA ALA A 369 5.69 9.53 -23.25
C ALA A 369 6.48 8.65 -24.22
N ILE A 370 7.55 8.06 -23.75
CA ILE A 370 8.38 7.21 -24.64
C ILE A 370 7.58 5.98 -25.08
N LYS A 371 6.84 5.37 -24.16
CA LYS A 371 5.97 4.22 -24.50
C LYS A 371 4.89 4.65 -25.49
N GLU A 372 4.29 5.83 -25.30
CA GLU A 372 3.25 6.36 -26.22
CA GLU A 372 3.24 6.32 -26.24
C GLU A 372 3.84 6.40 -27.65
N ALA A 373 5.03 6.97 -27.79
CA ALA A 373 5.65 7.17 -29.12
C ALA A 373 6.10 5.84 -29.70
N ILE A 374 6.72 4.99 -28.88
CA ILE A 374 7.25 3.74 -29.46
C ILE A 374 6.17 2.71 -29.67
N LEU A 375 5.26 2.52 -28.71
CA LEU A 375 4.31 1.37 -28.74
C LEU A 375 2.99 1.81 -29.40
N ASN A 376 2.60 3.08 -29.26
CA ASN A 376 1.26 3.54 -29.73
C ASN A 376 1.37 4.57 -30.86
N LYS A 377 2.56 4.73 -31.44
CA LYS A 377 2.87 5.63 -32.59
C LYS A 377 2.43 7.08 -32.31
N ALA A 378 2.43 7.51 -31.05
CA ALA A 378 2.31 8.96 -30.77
C ALA A 378 3.43 9.73 -31.48
N ASP A 379 3.07 10.89 -32.00
CA ASP A 379 4.05 11.91 -32.46
C ASP A 379 5.06 12.20 -31.34
N PRO A 380 6.38 12.04 -31.59
CA PRO A 380 7.35 12.24 -30.52
C PRO A 380 7.21 13.65 -29.90
N LYS A 381 7.16 14.73 -30.68
CA LYS A 381 7.08 16.08 -30.05
C LYS A 381 5.78 16.16 -29.23
N ALA A 382 4.65 15.78 -29.80
CA ALA A 382 3.37 15.78 -29.05
C ALA A 382 3.51 14.98 -27.73
N ALA A 383 4.06 13.76 -27.74
CA ALA A 383 4.17 12.94 -26.51
C ALA A 383 5.05 13.64 -25.47
N LEU A 384 6.15 14.24 -25.92
CA LEU A 384 7.09 14.91 -25.01
C LEU A 384 6.52 16.28 -24.58
N ASP A 385 5.69 16.93 -25.39
CA ASP A 385 5.03 18.17 -24.95
C ASP A 385 4.04 17.84 -23.84
N ARG A 386 3.36 16.71 -23.92
CA ARG A 386 2.44 16.32 -22.83
C ARG A 386 3.29 16.06 -21.57
N ALA A 387 4.41 15.36 -21.72
CA ALA A 387 5.30 15.04 -20.59
C ALA A 387 5.74 16.33 -19.94
N GLN A 388 6.16 17.29 -20.75
CA GLN A 388 6.66 18.57 -20.24
C GLN A 388 5.59 19.24 -19.39
N LYS A 389 4.36 19.30 -19.92
CA LYS A 389 3.23 19.91 -19.19
C LYS A 389 2.96 19.19 -17.87
N LEU A 390 2.94 17.85 -17.88
CA LEU A 390 2.71 17.09 -16.64
C LEU A 390 3.86 17.34 -15.65
N ALA A 391 5.12 17.40 -16.10
CA ALA A 391 6.26 17.64 -15.19
C ALA A 391 6.18 19.07 -14.64
N GLU A 392 5.84 20.04 -15.49
CA GLU A 392 5.74 21.47 -15.05
C GLU A 392 4.67 21.55 -13.95
N ASP A 393 3.58 20.84 -14.15
CA ASP A 393 2.42 20.80 -13.21
C ASP A 393 2.87 20.16 -11.90
N LEU A 394 3.63 19.06 -11.99
CA LEU A 394 4.08 18.36 -10.76
C LEU A 394 5.05 19.26 -10.00
N LEU A 395 5.98 19.93 -10.68
CA LEU A 395 7.08 20.69 -10.04
C LEU A 395 6.66 22.09 -9.61
N SER A 396 5.57 22.64 -10.11
CA SER A 396 5.07 23.96 -9.65
C SER A 396 4.58 23.79 -8.21
N MET B 2 -30.36 19.00 -7.62
CA MET B 2 -29.55 19.77 -6.65
C MET B 2 -29.47 19.01 -5.31
N LYS B 3 -29.72 17.70 -5.32
CA LYS B 3 -29.34 16.74 -4.23
C LYS B 3 -27.82 16.56 -4.24
N PRO B 4 -27.18 16.19 -3.11
CA PRO B 4 -25.72 16.02 -3.11
C PRO B 4 -25.25 15.08 -4.22
N GLU B 5 -25.91 13.94 -4.45
CA GLU B 5 -25.41 12.98 -5.49
C GLU B 5 -25.46 13.65 -6.87
N ASP B 6 -26.41 14.57 -7.12
CA ASP B 6 -26.51 15.30 -8.43
C ASP B 6 -25.31 16.26 -8.54
N VAL B 7 -25.01 16.95 -7.45
CA VAL B 7 -23.82 17.82 -7.38
C VAL B 7 -22.57 16.97 -7.65
N ILE B 8 -22.44 15.82 -7.04
CA ILE B 8 -21.23 14.95 -7.26
C ILE B 8 -21.13 14.54 -8.73
N LYS B 9 -22.26 14.15 -9.32
CA LYS B 9 -22.28 13.82 -10.77
C LYS B 9 -21.68 14.98 -11.57
N GLU B 10 -22.14 16.21 -11.30
CA GLU B 10 -21.70 17.41 -12.07
C GLU B 10 -20.20 17.59 -11.81
N GLN B 11 -19.76 17.40 -10.56
CA GLN B 11 -18.35 17.56 -10.17
C GLN B 11 -17.48 16.59 -10.98
N CYS B 12 -17.86 15.31 -11.04
CA CYS B 12 -17.06 14.24 -11.69
C CYS B 12 -17.09 14.44 -13.21
N ALA B 13 -18.22 14.92 -13.76
CA ALA B 13 -18.34 15.19 -15.21
C ALA B 13 -17.30 16.22 -15.65
N ARG B 14 -16.97 17.22 -14.81
CA ARG B 14 -15.99 18.32 -15.09
C ARG B 14 -14.55 17.92 -14.67
N ALA B 15 -14.36 16.77 -14.03
CA ALA B 15 -13.06 16.37 -13.43
C ALA B 15 -12.15 15.74 -14.50
N LYS B 16 -10.84 15.82 -14.30
CA LYS B 16 -9.83 15.14 -15.17
C LYS B 16 -9.50 13.74 -14.62
N VAL B 17 -9.80 13.47 -13.34
CA VAL B 17 -9.49 12.16 -12.72
C VAL B 17 -10.62 11.88 -11.75
N VAL B 18 -11.21 10.69 -11.82
CA VAL B 18 -12.35 10.27 -10.96
C VAL B 18 -11.98 8.94 -10.32
N ALA B 19 -11.90 8.92 -8.99
CA ALA B 19 -11.73 7.67 -8.22
C ALA B 19 -13.10 7.19 -7.76
N GLU B 20 -13.54 5.99 -8.14
CA GLU B 20 -14.82 5.45 -7.61
C GLU B 20 -14.64 4.94 -6.18
N LEU B 21 -15.63 5.15 -5.34
CA LEU B 21 -15.70 4.64 -3.96
C LEU B 21 -17.00 3.83 -3.86
N TRP B 22 -16.89 2.51 -3.86
CA TRP B 22 -18.09 1.67 -3.70
C TRP B 22 -18.47 1.59 -2.24
N HIS B 23 -19.73 1.79 -1.95
CA HIS B 23 -20.25 1.77 -0.56
C HIS B 23 -21.55 0.99 -0.44
N GLY B 24 -21.94 0.75 0.80
CA GLY B 24 -23.11 -0.02 1.26
C GLY B 24 -24.11 0.80 1.98
N PHE B 25 -24.16 2.11 1.77
CA PHE B 25 -25.17 2.97 2.39
C PHE B 25 -26.36 3.11 1.46
N THR B 26 -27.54 2.75 1.94
CA THR B 26 -28.72 2.66 1.04
C THR B 26 -29.50 3.97 1.15
N GLY B 27 -29.30 4.71 2.22
CA GLY B 27 -30.09 5.92 2.46
C GLY B 27 -29.92 6.44 3.86
N GLY B 28 -30.87 7.29 4.23
CA GLY B 28 -30.84 8.03 5.51
C GLY B 28 -29.57 8.82 5.77
N ALA B 29 -29.27 9.03 7.04
CA ALA B 29 -28.20 9.99 7.41
C ALA B 29 -26.84 9.47 6.95
N PRO B 30 -26.52 8.15 6.99
CA PRO B 30 -25.20 7.68 6.55
C PRO B 30 -24.94 8.05 5.08
N LYS B 31 -25.92 7.79 4.20
CA LYS B 31 -25.72 8.09 2.78
C LYS B 31 -25.55 9.60 2.61
N ALA B 32 -26.42 10.40 3.22
CA ALA B 32 -26.35 11.86 3.06
C ALA B 32 -25.03 12.39 3.59
N ALA B 33 -24.59 11.87 4.73
CA ALA B 33 -23.33 12.30 5.35
C ALA B 33 -22.18 11.93 4.43
N LEU B 34 -22.15 10.73 3.89
CA LEU B 34 -21.05 10.38 2.96
C LEU B 34 -21.07 11.35 1.77
N GLU B 35 -22.23 11.55 1.16
CA GLU B 35 -22.30 12.39 -0.06
C GLU B 35 -21.93 13.84 0.26
N ASN B 36 -22.32 14.38 1.42
CA ASN B 36 -21.92 15.75 1.80
C ASN B 36 -20.39 15.82 1.98
N LEU B 37 -19.78 14.81 2.62
CA LEU B 37 -18.31 14.78 2.82
C LEU B 37 -17.68 14.77 1.43
N VAL B 38 -18.19 13.95 0.51
CA VAL B 38 -17.62 13.90 -0.86
C VAL B 38 -17.82 15.22 -1.67
N VAL B 39 -18.98 15.87 -1.61
CA VAL B 39 -19.13 17.20 -2.24
C VAL B 39 -18.05 18.15 -1.72
N GLU B 40 -17.82 18.19 -0.40
CA GLU B 40 -16.86 19.16 0.20
C GLU B 40 -15.44 18.81 -0.30
N PHE B 41 -15.11 17.52 -0.31
CA PHE B 41 -13.79 17.06 -0.80
C PHE B 41 -13.62 17.48 -2.27
N ASN B 42 -14.62 17.21 -3.11
CA ASN B 42 -14.50 17.47 -4.56
C ASN B 42 -14.34 18.97 -4.84
N LYS B 43 -14.99 19.83 -4.04
CA LYS B 43 -14.97 21.29 -4.22
C LYS B 43 -13.54 21.80 -4.02
N ALA B 44 -12.76 21.19 -3.13
CA ALA B 44 -11.43 21.71 -2.77
C ALA B 44 -10.41 21.21 -3.79
N GLN B 45 -10.75 20.22 -4.58
CA GLN B 45 -9.80 19.56 -5.49
C GLN B 45 -9.87 20.30 -6.84
N GLN B 46 -8.76 20.49 -7.54
CA GLN B 46 -8.82 21.06 -8.92
C GLN B 46 -9.01 19.89 -9.91
N GLY B 47 -10.28 19.52 -10.14
CA GLY B 47 -10.66 18.56 -11.19
C GLY B 47 -10.21 17.14 -10.85
N ARG B 48 -10.06 16.82 -9.56
CA ARG B 48 -9.73 15.46 -9.10
C ARG B 48 -10.82 15.07 -8.12
N CYS B 49 -11.63 14.08 -8.46
CA CYS B 49 -12.89 13.88 -7.72
C CYS B 49 -13.05 12.43 -7.29
N VAL B 50 -13.88 12.24 -6.28
CA VAL B 50 -14.36 10.91 -5.83
C VAL B 50 -15.80 10.80 -6.29
N ARG B 51 -16.16 9.66 -6.84
CA ARG B 51 -17.51 9.33 -7.26
C ARG B 51 -17.97 8.21 -6.33
N PRO B 52 -18.88 8.47 -5.39
CA PRO B 52 -19.37 7.36 -4.57
C PRO B 52 -20.41 6.62 -5.40
N VAL B 53 -20.39 5.28 -5.31
CA VAL B 53 -21.28 4.41 -6.11
C VAL B 53 -21.96 3.47 -5.12
N PRO B 54 -23.26 3.69 -4.85
CA PRO B 54 -24.02 2.79 -3.99
C PRO B 54 -24.16 1.38 -4.61
N GLN B 55 -23.87 0.33 -3.84
CA GLN B 55 -23.87 -1.06 -4.34
C GLN B 55 -24.94 -1.86 -3.64
N GLY B 56 -25.86 -1.22 -2.92
CA GLY B 56 -26.87 -1.86 -2.08
C GLY B 56 -26.38 -1.83 -0.64
N GLY B 57 -26.68 -2.84 0.14
CA GLY B 57 -26.12 -2.92 1.50
C GLY B 57 -24.73 -3.47 1.52
N TYR B 58 -24.19 -3.76 2.70
CA TYR B 58 -22.79 -4.22 2.82
C TYR B 58 -22.58 -5.59 2.19
N ARG B 59 -23.57 -6.48 2.28
CA ARG B 59 -23.50 -7.85 1.69
CA ARG B 59 -23.34 -7.81 1.67
C ARG B 59 -23.54 -7.72 0.16
N ASP B 60 -24.44 -6.89 -0.35
CA ASP B 60 -24.44 -6.58 -1.81
C ASP B 60 -23.09 -6.06 -2.25
N LEU B 61 -22.52 -5.17 -1.45
CA LEU B 61 -21.22 -4.57 -1.81
C LEU B 61 -20.15 -5.65 -1.91
N SER B 62 -20.03 -6.55 -0.93
CA SER B 62 -18.96 -7.58 -0.95
C SER B 62 -19.13 -8.49 -2.17
N THR B 63 -20.39 -8.77 -2.52
CA THR B 63 -20.74 -9.60 -3.73
C THR B 63 -20.31 -8.85 -4.99
N LYS B 64 -20.64 -7.56 -5.05
CA LYS B 64 -20.33 -6.73 -6.21
C LYS B 64 -18.80 -6.64 -6.37
N ILE B 65 -18.02 -6.52 -5.30
CA ILE B 65 -16.54 -6.36 -5.42
C ILE B 65 -15.97 -7.67 -5.99
N LYS B 66 -16.48 -8.79 -5.50
CA LYS B 66 -15.97 -10.11 -5.98
C LYS B 66 -16.21 -10.22 -7.48
N ALA B 67 -17.40 -9.86 -7.94
CA ALA B 67 -17.75 -9.86 -9.38
C ALA B 67 -16.79 -8.92 -10.12
N ALA B 68 -16.46 -7.77 -9.53
CA ALA B 68 -15.52 -6.80 -10.13
C ALA B 68 -14.13 -7.42 -10.34
N PHE B 69 -13.61 -8.20 -9.37
CA PHE B 69 -12.31 -8.90 -9.56
C PHE B 69 -12.46 -9.85 -10.75
N ALA B 70 -13.52 -10.64 -10.74
CA ALA B 70 -13.78 -11.64 -11.79
C ALA B 70 -13.83 -10.94 -13.15
N ALA B 71 -14.43 -9.73 -13.24
CA ALA B 71 -14.60 -8.96 -14.48
C ALA B 71 -13.37 -8.13 -14.83
N GLY B 72 -12.44 -7.93 -13.89
CA GLY B 72 -11.21 -7.11 -14.07
C GLY B 72 -11.47 -5.60 -14.04
N LYS B 73 -12.51 -5.18 -13.33
CA LYS B 73 -12.93 -3.75 -13.22
C LYS B 73 -13.16 -3.41 -11.74
N VAL B 74 -12.12 -3.22 -10.96
CA VAL B 74 -12.32 -2.85 -9.53
C VAL B 74 -12.42 -1.33 -9.43
N PRO B 75 -13.21 -0.82 -8.46
CA PRO B 75 -13.19 0.61 -8.12
C PRO B 75 -11.84 0.95 -7.48
N THR B 76 -11.55 2.23 -7.27
CA THR B 76 -10.35 2.68 -6.54
C THR B 76 -10.47 2.32 -5.07
N MET B 77 -11.62 2.69 -4.49
CA MET B 77 -11.85 2.44 -3.05
C MET B 77 -13.19 1.72 -2.84
N ALA B 78 -13.30 1.05 -1.70
CA ALA B 78 -14.56 0.44 -1.26
C ALA B 78 -14.57 0.45 0.25
N GLN B 79 -15.76 0.45 0.82
CA GLN B 79 -15.95 0.03 2.21
C GLN B 79 -15.71 -1.46 2.40
N ALA B 80 -15.18 -1.83 3.57
CA ALA B 80 -14.87 -3.23 3.85
C ALA B 80 -14.92 -3.48 5.36
N PHE B 81 -15.60 -4.52 5.78
CA PHE B 81 -15.35 -5.03 7.15
C PHE B 81 -13.99 -5.70 7.20
N GLU B 82 -13.50 -5.95 8.42
CA GLU B 82 -12.21 -6.63 8.65
C GLU B 82 -12.19 -7.98 7.95
N ASN B 83 -13.27 -8.74 8.04
CA ASN B 83 -13.30 -10.08 7.38
C ASN B 83 -13.24 -9.94 5.86
N ASN B 84 -13.82 -8.87 5.27
CA ASN B 84 -13.72 -8.58 3.81
C ASN B 84 -12.24 -8.30 3.53
N ILE B 85 -11.57 -7.51 4.38
CA ILE B 85 -10.11 -7.21 4.14
C ILE B 85 -9.33 -8.54 4.11
N ALA B 86 -9.55 -9.46 5.05
CA ALA B 86 -8.83 -10.76 5.10
C ALA B 86 -9.04 -11.49 3.76
N LEU B 87 -10.28 -11.48 3.28
CA LEU B 87 -10.62 -12.13 1.97
C LEU B 87 -9.83 -11.43 0.85
N TYR B 88 -9.84 -10.10 0.81
CA TYR B 88 -9.21 -9.40 -0.35
C TYR B 88 -7.70 -9.61 -0.30
N LEU B 89 -7.17 -9.84 0.90
CA LEU B 89 -5.72 -10.06 1.05
C LEU B 89 -5.28 -11.45 0.57
N GLU B 90 -6.16 -12.45 0.55
CA GLU B 90 -5.83 -13.77 -0.06
C GLU B 90 -5.33 -13.57 -1.48
N ALA B 91 -5.88 -12.56 -2.18
CA ALA B 91 -5.65 -12.23 -3.60
C ALA B 91 -4.59 -11.14 -3.71
N LYS B 92 -4.08 -10.62 -2.58
CA LYS B 92 -3.15 -9.47 -2.55
C LYS B 92 -3.75 -8.32 -3.37
N ALA B 93 -5.04 -8.03 -3.19
CA ALA B 93 -5.82 -7.07 -4.01
C ALA B 93 -5.70 -5.62 -3.44
N LEU B 94 -5.16 -5.49 -2.24
CA LEU B 94 -5.20 -4.23 -1.46
C LEU B 94 -3.84 -3.57 -1.33
N LEU B 95 -3.83 -2.26 -1.51
CA LEU B 95 -2.63 -1.42 -1.29
CA LEU B 95 -2.63 -1.45 -1.30
C LEU B 95 -2.49 -1.17 0.19
N PRO B 96 -1.31 -1.40 0.77
CA PRO B 96 -1.02 -0.88 2.10
C PRO B 96 -1.34 0.62 2.14
N ILE B 97 -2.08 1.06 3.16
CA ILE B 97 -2.48 2.49 3.25
C ILE B 97 -1.23 3.37 3.35
N GLU B 98 -0.21 2.94 4.09
CA GLU B 98 0.98 3.77 4.37
C GLU B 98 1.79 3.87 3.07
N SER B 99 1.59 2.95 2.10
CA SER B 99 2.23 3.07 0.76
CA SER B 99 2.23 3.07 0.76
C SER B 99 1.78 4.37 0.06
N LEU B 100 0.62 4.93 0.42
CA LEU B 100 0.16 6.22 -0.16
C LEU B 100 0.74 7.39 0.63
N GLY B 101 1.39 7.12 1.75
CA GLY B 101 1.98 8.16 2.58
C GLY B 101 0.94 8.75 3.52
N VAL B 102 -0.16 8.05 3.71
CA VAL B 102 -1.24 8.51 4.64
C VAL B 102 -0.79 8.20 6.06
N LYS B 103 -0.75 9.20 6.95
CA LYS B 103 -0.36 8.94 8.34
C LYS B 103 -1.60 8.54 9.14
N LEU B 104 -1.45 7.54 9.96
CA LEU B 104 -2.54 6.97 10.76
C LEU B 104 -2.37 7.25 12.24
N GLN B 105 -1.31 7.92 12.63
CA GLN B 105 -1.12 8.27 14.06
CA GLN B 105 -1.07 8.39 14.01
C GLN B 105 -2.32 9.13 14.46
N GLY B 106 -2.84 8.86 15.65
CA GLY B 106 -4.05 9.57 16.06
C GLY B 106 -5.34 8.80 15.78
N VAL B 107 -5.33 7.81 14.89
CA VAL B 107 -6.51 6.90 14.75
C VAL B 107 -6.55 6.04 16.00
N ASN B 108 -7.75 5.94 16.61
CA ASN B 108 -8.01 5.07 17.78
CA ASN B 108 -7.99 5.07 17.80
C ASN B 108 -7.40 3.68 17.54
N LEU B 109 -6.57 3.16 18.45
CA LEU B 109 -6.02 1.79 18.32
C LEU B 109 -7.16 0.75 18.32
N THR B 110 -8.33 0.99 18.90
CA THR B 110 -9.47 0.01 18.85
C THR B 110 -9.76 -0.25 17.37
N PHE B 111 -9.61 0.77 16.54
CA PHE B 111 -9.97 0.66 15.11
C PHE B 111 -8.75 0.33 14.26
N LEU B 112 -7.60 0.90 14.58
CA LEU B 112 -6.39 0.71 13.79
C LEU B 112 -5.86 -0.74 13.90
N ASN B 113 -5.93 -1.32 15.11
CA ASN B 113 -5.48 -2.72 15.33
C ASN B 113 -6.28 -3.60 14.40
N ALA B 114 -7.56 -3.27 14.20
CA ALA B 114 -8.50 -4.16 13.46
C ALA B 114 -8.21 -4.13 11.96
N VAL B 115 -7.50 -3.14 11.43
CA VAL B 115 -7.21 -3.13 9.96
C VAL B 115 -5.75 -3.51 9.71
N ARG B 116 -5.02 -3.94 10.74
CA ARG B 116 -3.62 -4.35 10.59
C ARG B 116 -3.55 -5.87 10.43
N PHE B 117 -2.99 -6.33 9.31
CA PHE B 117 -2.87 -7.74 8.94
C PHE B 117 -1.40 -8.09 8.68
N GLY B 118 -0.86 -9.03 9.48
CA GLY B 118 0.59 -9.27 9.51
C GLY B 118 1.41 -7.98 9.64
N GLY B 119 0.98 -7.07 10.51
CA GLY B 119 1.71 -5.84 10.85
C GLY B 119 1.41 -4.70 9.90
N VAL B 120 0.65 -4.94 8.85
CA VAL B 120 0.49 -3.90 7.79
C VAL B 120 -0.95 -3.40 7.78
N VAL B 121 -1.10 -2.07 7.75
CA VAL B 121 -2.47 -1.51 7.72
C VAL B 121 -3.02 -1.53 6.30
N TYR B 122 -4.18 -2.16 6.12
CA TYR B 122 -4.79 -2.25 4.77
C TYR B 122 -6.13 -1.56 4.70
N GLY B 123 -6.59 -0.91 5.76
CA GLY B 123 -7.80 -0.08 5.64
C GLY B 123 -7.75 1.18 6.47
N VAL B 124 -8.61 2.11 6.15
CA VAL B 124 -8.69 3.35 6.96
C VAL B 124 -10.03 3.29 7.65
N PRO B 125 -10.07 3.24 8.98
CA PRO B 125 -11.34 3.33 9.71
C PRO B 125 -12.06 4.57 9.26
N PHE B 126 -13.33 4.40 8.88
CA PHE B 126 -14.11 5.49 8.25
C PHE B 126 -15.42 5.73 9.01
N ASN B 127 -16.28 4.74 8.94
CA ASN B 127 -17.65 4.75 9.53
C ASN B 127 -17.71 3.58 10.52
N LYS B 128 -17.18 3.81 11.70
CA LYS B 128 -17.08 2.76 12.72
C LYS B 128 -18.17 3.01 13.79
N SER B 129 -18.96 1.98 14.08
CA SER B 129 -20.09 2.08 15.03
C SER B 129 -19.82 1.26 16.28
N ILE B 130 -20.55 1.57 17.34
CA ILE B 130 -20.52 0.71 18.54
C ILE B 130 -21.98 0.49 18.92
N GLN B 131 -22.29 -0.68 19.45
CA GLN B 131 -23.64 -0.81 20.02
C GLN B 131 -23.83 0.07 21.27
N VAL B 132 -25.03 0.57 21.42
CA VAL B 132 -25.44 1.35 22.59
C VAL B 132 -26.80 0.88 23.07
N LEU B 133 -27.17 1.28 24.25
CA LEU B 133 -28.52 1.07 24.82
C LEU B 133 -29.34 2.29 24.47
N TYR B 134 -30.29 2.06 23.57
CA TYR B 134 -31.35 3.05 23.28
C TYR B 134 -32.42 2.79 24.30
N TYR B 135 -33.02 3.86 24.80
CA TYR B 135 -34.12 3.60 25.76
C TYR B 135 -35.16 4.72 25.69
N ASN B 136 -36.30 4.41 26.29
CA ASN B 136 -37.48 5.30 26.28
C ASN B 136 -37.46 6.03 27.64
N LYS B 137 -36.92 7.23 27.65
CA LYS B 137 -36.78 7.91 28.95
C LYS B 137 -38.13 8.06 29.63
N ASP B 138 -39.17 8.40 28.86
CA ASP B 138 -40.50 8.66 29.43
C ASP B 138 -41.03 7.41 30.13
N LEU B 139 -40.88 6.27 29.46
CA LEU B 139 -41.44 5.02 30.01
C LEU B 139 -40.68 4.63 31.26
N LEU B 140 -39.35 4.78 31.28
CA LEU B 140 -38.61 4.44 32.53
C LEU B 140 -39.02 5.39 33.67
N LYS B 141 -39.11 6.69 33.40
CA LYS B 141 -39.43 7.68 34.47
C LYS B 141 -40.86 7.43 34.97
N LYS B 142 -41.76 7.04 34.07
CA LYS B 142 -43.19 6.84 34.44
C LYS B 142 -43.22 5.82 35.57
N HIS B 143 -42.38 4.78 35.51
CA HIS B 143 -42.44 3.61 36.40
C HIS B 143 -41.36 3.65 37.48
N GLY B 144 -40.55 4.73 37.52
CA GLY B 144 -39.45 4.88 38.49
C GLY B 144 -38.34 3.86 38.28
N VAL B 145 -38.09 3.46 37.01
CA VAL B 145 -37.07 2.42 36.72
C VAL B 145 -35.79 3.12 36.30
N PRO B 146 -34.69 2.96 37.05
CA PRO B 146 -33.41 3.53 36.64
C PRO B 146 -32.92 2.81 35.38
N VAL B 147 -32.10 3.52 34.64
CA VAL B 147 -31.44 2.95 33.46
C VAL B 147 -30.57 1.83 34.00
N PRO B 148 -30.70 0.61 33.45
CA PRO B 148 -29.96 -0.53 33.97
C PRO B 148 -28.48 -0.44 33.65
N ALA B 149 -27.67 -0.73 34.65
CA ALA B 149 -26.20 -0.71 34.51
C ALA B 149 -25.70 -2.13 34.39
N THR B 150 -26.46 -3.16 34.79
CA THR B 150 -25.99 -4.55 34.72
C THR B 150 -26.99 -5.39 33.97
N LEU B 151 -26.54 -6.53 33.46
CA LEU B 151 -27.41 -7.43 32.67
CA LEU B 151 -27.43 -7.42 32.68
C LEU B 151 -28.55 -7.88 33.61
N GLU B 152 -28.22 -8.13 34.86
CA GLU B 152 -29.24 -8.49 35.88
C GLU B 152 -30.28 -7.38 35.97
N GLU B 153 -29.84 -6.13 36.06
CA GLU B 153 -30.81 -5.03 36.23
C GLU B 153 -31.61 -4.93 34.92
N PHE B 154 -30.95 -5.14 33.79
CA PHE B 154 -31.58 -4.97 32.47
C PHE B 154 -32.75 -5.95 32.35
N VAL B 155 -32.49 -7.20 32.67
CA VAL B 155 -33.57 -8.23 32.59
C VAL B 155 -34.69 -7.89 33.60
N ALA B 156 -34.34 -7.51 34.81
CA ALA B 156 -35.33 -7.16 35.85
C ALA B 156 -36.18 -5.97 35.36
N ALA B 157 -35.54 -4.96 34.78
CA ALA B 157 -36.23 -3.78 34.25
C ALA B 157 -37.15 -4.17 33.11
N ALA B 158 -36.72 -5.02 32.20
CA ALA B 158 -37.56 -5.44 31.05
C ALA B 158 -38.77 -6.20 31.55
N LYS B 159 -38.57 -7.04 32.58
CA LYS B 159 -39.70 -7.81 33.15
C LYS B 159 -40.68 -6.85 33.83
N LYS B 160 -40.19 -5.89 34.62
CA LYS B 160 -41.04 -5.00 35.42
CA LYS B 160 -41.04 -4.97 35.42
C LYS B 160 -41.87 -4.13 34.46
N LEU B 161 -41.21 -3.58 33.43
CA LEU B 161 -41.85 -2.63 32.53
C LEU B 161 -42.82 -3.39 31.60
N SER B 162 -42.44 -4.60 31.15
CA SER B 162 -43.32 -5.39 30.25
C SER B 162 -44.62 -5.73 31.02
N ARG B 163 -44.48 -6.11 32.29
CA ARG B 163 -45.70 -6.41 33.11
C ARG B 163 -46.52 -5.13 33.27
N ALA B 164 -45.88 -3.99 33.57
CA ALA B 164 -46.61 -2.71 33.79
C ALA B 164 -47.32 -2.27 32.51
N GLU B 165 -46.76 -2.53 31.33
CA GLU B 165 -47.24 -1.95 30.05
C GLU B 165 -47.99 -3.01 29.22
N GLY B 166 -47.98 -4.28 29.62
CA GLY B 166 -48.76 -5.32 28.96
C GLY B 166 -48.19 -5.70 27.62
N GLY B 167 -46.88 -5.58 27.46
CA GLY B 167 -46.25 -5.92 26.18
C GLY B 167 -44.74 -6.01 26.36
N PRO B 168 -44.00 -6.77 25.53
CA PRO B 168 -42.54 -6.89 25.67
C PRO B 168 -41.85 -5.56 25.29
N VAL B 169 -41.02 -5.06 26.22
CA VAL B 169 -40.47 -3.70 26.10
C VAL B 169 -39.04 -3.73 25.59
N TYR B 170 -38.34 -4.87 25.64
CA TYR B 170 -36.98 -5.00 25.09
C TYR B 170 -37.12 -5.50 23.65
N TRP B 171 -36.78 -4.68 22.68
CA TRP B 171 -36.98 -4.98 21.24
C TRP B 171 -35.64 -5.35 20.64
N PHE B 172 -35.61 -6.39 19.85
CA PHE B 172 -34.36 -6.85 19.26
C PHE B 172 -34.60 -7.48 17.93
N GLN B 173 -33.61 -7.36 17.05
CA GLN B 173 -33.52 -8.16 15.82
C GLN B 173 -32.87 -9.51 16.16
N PRO B 174 -33.44 -10.64 15.75
CA PRO B 174 -32.83 -11.93 16.01
C PRO B 174 -31.67 -12.20 15.05
N ASP B 175 -30.58 -11.52 15.32
CA ASP B 175 -29.42 -11.54 14.39
C ASP B 175 -28.10 -11.72 15.15
N ALA B 176 -27.07 -11.96 14.36
CA ALA B 176 -25.73 -12.19 14.88
C ALA B 176 -25.26 -11.00 15.72
N SER B 177 -25.58 -9.78 15.30
CA SER B 177 -25.10 -8.54 15.95
C SER B 177 -25.70 -8.48 17.37
N THR B 178 -26.97 -8.69 17.48
CA THR B 178 -27.65 -8.60 18.80
C THR B 178 -27.13 -9.74 19.69
N PHE B 179 -27.00 -10.91 19.15
CA PHE B 179 -26.48 -12.08 19.89
C PHE B 179 -25.09 -11.73 20.42
N ALA B 180 -24.24 -11.03 19.66
CA ALA B 180 -22.86 -10.74 20.09
C ALA B 180 -22.88 -9.95 21.40
N TYR B 181 -23.84 -9.09 21.59
CA TYR B 181 -23.90 -8.24 22.81
C TYR B 181 -24.11 -9.21 23.99
N PHE B 182 -25.06 -10.10 23.91
CA PHE B 182 -25.32 -11.05 25.02
C PHE B 182 -24.17 -12.05 25.23
N PHE B 183 -23.69 -12.58 24.13
CA PHE B 183 -22.60 -13.58 24.13
C PHE B 183 -21.38 -12.99 24.81
N PHE B 184 -20.91 -11.83 24.34
CA PHE B 184 -19.70 -11.18 24.88
C PHE B 184 -19.84 -10.88 26.37
N ASN B 185 -21.00 -10.41 26.77
CA ASN B 185 -21.20 -9.97 28.18
C ASN B 185 -21.57 -11.12 29.10
N LEU B 186 -21.78 -12.32 28.57
CA LEU B 186 -21.83 -13.53 29.39
C LEU B 186 -20.47 -14.24 29.48
N GLY B 187 -19.43 -13.65 28.91
CA GLY B 187 -18.05 -14.20 29.00
C GLY B 187 -17.67 -14.95 27.73
N GLY B 188 -18.46 -14.81 26.66
CA GLY B 188 -18.19 -15.63 25.47
C GLY B 188 -16.97 -15.19 24.69
N SER B 189 -16.32 -16.15 24.05
CA SER B 189 -15.26 -15.89 23.05
C SER B 189 -15.51 -16.77 21.82
N TYR B 190 -15.43 -16.19 20.64
CA TYR B 190 -15.66 -16.93 19.39
C TYR B 190 -14.49 -17.87 19.09
N LEU B 191 -13.27 -17.56 19.52
CA LEU B 191 -12.11 -18.42 19.17
C LEU B 191 -11.58 -19.07 20.44
N LYS B 192 -11.40 -20.37 20.40
CA LYS B 192 -10.81 -21.18 21.49
C LYS B 192 -9.64 -21.92 20.90
N ASP B 193 -8.41 -21.61 21.36
CA ASP B 193 -7.18 -22.25 20.84
C ASP B 193 -7.20 -22.21 19.32
N GLY B 194 -7.55 -21.07 18.73
CA GLY B 194 -7.50 -20.86 17.29
C GLY B 194 -8.76 -21.35 16.58
N LYS B 195 -9.64 -22.08 17.27
CA LYS B 195 -10.80 -22.68 16.57
C LYS B 195 -12.04 -21.82 16.74
N LEU B 196 -12.79 -21.61 15.67
CA LEU B 196 -14.11 -20.94 15.78
C LEU B 196 -15.06 -21.89 16.52
N VAL B 197 -15.69 -21.38 17.56
CA VAL B 197 -16.71 -22.14 18.34
C VAL B 197 -17.99 -21.28 18.46
N LEU B 198 -19.08 -21.78 17.89
CA LEU B 198 -20.39 -21.07 17.89
C LEU B 198 -21.33 -21.67 18.95
N ASN B 199 -20.94 -22.75 19.62
CA ASN B 199 -21.88 -23.56 20.44
C ASN B 199 -21.32 -23.78 21.87
N SER B 200 -20.52 -22.83 22.33
CA SER B 200 -19.96 -22.82 23.69
C SER B 200 -21.09 -22.62 24.70
N LYS B 201 -20.78 -22.84 25.96
CA LYS B 201 -21.85 -22.70 26.98
C LYS B 201 -22.35 -21.25 27.00
N GLU B 202 -21.48 -20.29 26.74
CA GLU B 202 -21.91 -18.88 26.76
C GLU B 202 -22.81 -18.54 25.57
N ALA B 203 -22.55 -19.18 24.44
CA ALA B 203 -23.38 -19.01 23.23
C ALA B 203 -24.76 -19.51 23.55
N VAL B 204 -24.82 -20.70 24.14
CA VAL B 204 -26.12 -21.30 24.48
C VAL B 204 -26.83 -20.44 25.51
N GLU B 205 -26.13 -20.02 26.54
CA GLU B 205 -26.70 -19.10 27.55
C GLU B 205 -27.28 -17.84 26.91
N ALA B 206 -26.54 -17.18 25.99
CA ALA B 206 -26.96 -15.93 25.36
C ALA B 206 -28.22 -16.20 24.55
N LEU B 207 -28.23 -17.21 23.68
CA LEU B 207 -29.41 -17.50 22.86
C LEU B 207 -30.60 -17.96 23.76
N THR B 208 -30.32 -18.73 24.80
CA THR B 208 -31.38 -19.11 25.76
C THR B 208 -31.97 -17.89 26.49
N LEU B 209 -31.16 -16.88 26.78
CA LEU B 209 -31.66 -15.67 27.51
C LEU B 209 -32.67 -14.97 26.60
N LEU B 210 -32.29 -14.79 25.34
CA LEU B 210 -33.19 -14.18 24.36
C LEU B 210 -34.47 -15.00 24.15
N GLN B 211 -34.36 -16.31 23.99
CA GLN B 211 -35.54 -17.14 23.74
C GLN B 211 -36.44 -17.09 24.96
N ASN B 212 -35.85 -17.15 26.14
CA ASN B 212 -36.64 -17.04 27.40
C ASN B 212 -37.34 -15.67 27.46
N GLY B 213 -36.66 -14.57 27.08
CA GLY B 213 -37.29 -13.25 27.09
C GLY B 213 -38.52 -13.23 26.19
N VAL B 214 -38.46 -13.86 25.03
CA VAL B 214 -39.62 -13.94 24.09
C VAL B 214 -40.71 -14.76 24.79
N LYS B 215 -40.36 -15.92 25.30
CA LYS B 215 -41.35 -16.82 25.97
C LYS B 215 -42.03 -16.08 27.14
N GLU B 216 -41.27 -15.33 27.92
CA GLU B 216 -41.69 -14.73 29.22
C GLU B 216 -42.33 -13.37 28.95
N GLY B 217 -42.31 -12.84 27.73
CA GLY B 217 -43.13 -11.69 27.37
C GLY B 217 -42.41 -10.37 27.63
N TRP B 218 -41.08 -10.38 27.77
CA TRP B 218 -40.31 -9.12 28.00
C TRP B 218 -39.45 -8.76 26.80
N ALA B 219 -39.27 -9.68 25.87
CA ALA B 219 -38.41 -9.46 24.68
C ALA B 219 -39.24 -9.60 23.40
N LYS B 220 -39.14 -8.62 22.54
CA LYS B 220 -39.95 -8.51 21.30
C LYS B 220 -39.08 -8.67 20.08
N PRO B 221 -39.16 -9.80 19.36
CA PRO B 221 -38.42 -9.92 18.11
C PRO B 221 -38.94 -8.95 17.05
N ILE B 222 -38.02 -8.31 16.32
CA ILE B 222 -38.36 -7.36 15.24
C ILE B 222 -37.87 -7.99 13.94
N THR B 223 -38.81 -8.33 13.05
CA THR B 223 -38.46 -9.17 11.87
C THR B 223 -38.59 -8.36 10.59
N SER B 224 -39.23 -7.19 10.64
CA SER B 224 -39.49 -6.38 9.44
C SER B 224 -39.01 -4.96 9.70
N GLY B 225 -37.93 -4.59 9.05
CA GLY B 225 -37.30 -3.27 9.17
C GLY B 225 -36.40 -3.16 10.39
N TYR B 226 -35.83 -1.97 10.55
CA TYR B 226 -34.99 -1.61 11.71
C TYR B 226 -35.88 -1.43 12.91
N ILE B 227 -35.30 -1.60 14.10
CA ILE B 227 -36.12 -1.35 15.30
C ILE B 227 -36.75 0.06 15.29
N ASN B 228 -35.98 1.08 14.96
CA ASN B 228 -36.45 2.48 14.98
C ASN B 228 -37.64 2.60 13.98
N GLN B 229 -37.65 1.80 12.92
CA GLN B 229 -38.77 1.83 11.93
C GLN B 229 -40.02 1.10 12.44
N ASN B 230 -39.96 0.48 13.61
CA ASN B 230 -41.09 -0.25 14.23
C ASN B 230 -41.66 0.49 15.44
N LEU B 231 -41.00 1.56 15.87
CA LEU B 231 -41.44 2.32 17.07
C LEU B 231 -42.86 2.83 16.85
N GLY B 232 -43.66 2.90 17.93
CA GLY B 232 -45.03 3.41 17.84
C GLY B 232 -46.03 2.28 17.91
N SER B 233 -45.58 1.05 17.64
CA SER B 233 -46.41 -0.16 17.75
C SER B 233 -46.02 -0.87 19.03
N GLY B 234 -46.74 -0.59 20.08
CA GLY B 234 -46.54 -1.31 21.34
C GLY B 234 -45.53 -0.56 22.19
N PRO B 235 -45.50 -0.89 23.49
CA PRO B 235 -44.60 -0.18 24.39
C PRO B 235 -43.15 -0.57 24.12
N TYR B 236 -42.30 0.44 24.07
CA TYR B 236 -40.85 0.21 23.90
C TYR B 236 -40.12 0.77 25.11
N ALA B 237 -39.14 0.06 25.67
CA ALA B 237 -38.26 0.60 26.75
C ALA B 237 -36.82 0.62 26.30
N PHE B 238 -36.42 -0.40 25.57
CA PHE B 238 -34.98 -0.58 25.31
C PHE B 238 -34.69 -1.29 24.02
N SER B 239 -33.59 -0.94 23.39
CA SER B 239 -32.97 -1.81 22.39
C SER B 239 -31.44 -1.65 22.55
N VAL B 240 -30.73 -2.68 22.09
CA VAL B 240 -29.26 -2.67 21.93
C VAL B 240 -29.02 -2.62 20.43
N ASP B 241 -28.38 -1.54 19.94
CA ASP B 241 -28.34 -1.32 18.50
C ASP B 241 -27.23 -0.36 18.16
N THR B 242 -26.83 -0.43 16.90
CA THR B 242 -25.71 0.33 16.40
C THR B 242 -25.94 1.82 16.64
N SER B 243 -24.87 2.46 17.08
CA SER B 243 -24.82 3.94 17.16
C SER B 243 -25.06 4.59 15.82
N ALA B 244 -24.77 3.91 14.70
CA ALA B 244 -25.03 4.49 13.35
C ALA B 244 -26.53 4.73 13.15
N GLY B 245 -27.41 4.14 13.98
CA GLY B 245 -28.84 4.41 13.89
C GLY B 245 -29.27 5.65 14.65
N TYR B 246 -28.37 6.30 15.35
CA TYR B 246 -28.73 7.34 16.34
C TYR B 246 -29.73 8.36 15.74
N THR B 247 -29.39 8.96 14.59
CA THR B 247 -30.24 10.07 14.07
CA THR B 247 -30.19 10.03 13.91
C THR B 247 -31.56 9.49 13.52
N ALA B 248 -31.63 8.22 13.06
CA ALA B 248 -32.87 7.50 12.73
C ALA B 248 -33.74 7.33 13.98
N TYR B 249 -33.15 6.92 15.10
CA TYR B 249 -33.98 6.83 16.32
C TYR B 249 -34.51 8.21 16.70
N LEU B 250 -33.64 9.21 16.72
CA LEU B 250 -33.99 10.59 17.12
C LEU B 250 -35.18 11.05 16.29
N ARG B 251 -35.13 10.85 14.99
CA ARG B 251 -36.18 11.31 14.04
C ARG B 251 -37.45 10.50 14.26
N ALA B 252 -37.40 9.20 14.59
CA ALA B 252 -38.58 8.32 14.63
C ALA B 252 -39.28 8.41 16.00
N ALA B 253 -38.54 8.59 17.09
CA ALA B 253 -39.12 8.37 18.44
C ALA B 253 -40.19 9.44 18.73
N LYS B 254 -41.36 9.01 19.17
CA LYS B 254 -42.43 9.90 19.70
C LYS B 254 -42.50 9.73 21.20
N PHE B 255 -41.34 9.80 21.77
CA PHE B 255 -41.03 9.74 23.20
C PHE B 255 -39.66 10.39 23.27
N ASP B 256 -39.23 10.69 24.48
CA ASP B 256 -37.91 11.26 24.79
C ASP B 256 -36.92 10.12 24.70
N LEU B 257 -36.07 10.15 23.67
CA LEU B 257 -35.09 9.08 23.45
C LEU B 257 -33.91 9.30 24.41
N GLY B 258 -33.48 8.21 25.00
CA GLY B 258 -32.27 8.12 25.86
C GLY B 258 -31.25 7.27 25.21
N VAL B 259 -29.99 7.59 25.40
CA VAL B 259 -28.87 6.71 25.04
C VAL B 259 -28.02 6.52 26.29
N ALA B 260 -27.74 5.28 26.58
CA ALA B 260 -26.84 4.89 27.67
C ALA B 260 -25.78 3.92 27.20
N THR B 261 -24.71 3.82 28.02
CA THR B 261 -23.74 2.75 27.82
C THR B 261 -24.45 1.42 28.10
N LEU B 262 -23.86 0.35 27.60
CA LEU B 262 -24.49 -0.99 27.66
C LEU B 262 -24.44 -1.52 29.08
N PRO B 263 -25.48 -2.26 29.50
CA PRO B 263 -25.35 -3.02 30.72
C PRO B 263 -24.22 -4.07 30.68
N GLY B 264 -23.46 -4.11 31.77
CA GLY B 264 -22.40 -5.12 31.89
C GLY B 264 -22.68 -6.18 32.94
N ARG B 265 -21.73 -7.08 33.14
CA ARG B 265 -21.86 -8.10 34.21
C ARG B 265 -22.02 -7.43 35.56
N THR B 266 -21.19 -6.41 35.84
CA THR B 266 -21.23 -5.65 37.12
C THR B 266 -21.21 -4.16 36.81
N LYS B 267 -21.44 -3.37 37.85
CA LYS B 267 -21.38 -1.89 37.71
C LYS B 267 -19.94 -1.41 37.59
N GLY B 268 -18.95 -2.31 37.74
CA GLY B 268 -17.53 -1.95 37.65
C GLY B 268 -17.13 -1.50 36.28
N GLN B 269 -17.94 -1.82 35.25
CA GLN B 269 -17.60 -1.49 33.85
C GLN B 269 -18.84 -1.67 32.98
N PRO B 270 -18.97 -0.82 31.95
CA PRO B 270 -20.06 -0.97 31.00
C PRO B 270 -19.87 -2.33 30.29
N GLY B 271 -20.95 -2.86 29.72
CA GLY B 271 -20.91 -4.01 28.82
C GLY B 271 -20.10 -3.70 27.60
N TYR B 272 -19.52 -4.76 26.99
CA TYR B 272 -18.86 -4.62 25.70
C TYR B 272 -19.91 -4.49 24.61
N GLY B 273 -19.66 -3.55 23.74
CA GLY B 273 -20.49 -3.41 22.53
C GLY B 273 -19.76 -3.98 21.33
N LEU B 274 -20.49 -4.43 20.36
CA LEU B 274 -19.92 -4.91 19.07
C LEU B 274 -19.57 -3.70 18.23
N VAL B 275 -18.40 -3.72 17.66
CA VAL B 275 -17.98 -2.71 16.65
C VAL B 275 -18.50 -3.15 15.30
N GLN B 276 -19.16 -2.27 14.58
CA GLN B 276 -19.59 -2.53 13.19
C GLN B 276 -19.26 -1.32 12.33
N GLY B 277 -19.79 -1.24 11.14
CA GLY B 277 -19.40 -0.20 10.19
C GLY B 277 -18.12 -0.67 9.50
N THR B 278 -17.55 0.23 8.71
CA THR B 278 -16.50 -0.18 7.77
C THR B 278 -15.31 0.73 7.70
N ASN B 279 -14.29 0.16 7.05
CA ASN B 279 -12.99 0.77 6.74
C ASN B 279 -12.97 1.04 5.24
N LEU B 280 -12.22 2.04 4.83
CA LEU B 280 -11.94 2.23 3.38
C LEU B 280 -10.68 1.50 2.96
N VAL B 281 -10.74 0.77 1.86
CA VAL B 281 -9.58 0.10 1.28
C VAL B 281 -9.36 0.71 -0.09
N VAL B 282 -8.14 0.53 -0.59
CA VAL B 282 -7.66 1.08 -1.84
C VAL B 282 -7.16 -0.15 -2.61
N PHE B 283 -7.69 -0.36 -3.80
CA PHE B 283 -7.31 -1.58 -4.56
C PHE B 283 -6.05 -1.35 -5.37
N ARG B 284 -5.14 -2.31 -5.36
CA ARG B 284 -3.89 -2.30 -6.16
C ARG B 284 -4.13 -2.02 -7.65
N GLN B 285 -5.21 -2.55 -8.20
CA GLN B 285 -5.49 -2.40 -9.65
C GLN B 285 -5.75 -0.94 -10.03
N ALA B 286 -6.03 -0.04 -9.08
CA ALA B 286 -6.24 1.39 -9.37
C ALA B 286 -5.02 2.00 -10.06
N SER B 287 -5.25 2.93 -10.98
CA SER B 287 -4.18 3.74 -11.63
C SER B 287 -3.50 4.63 -10.58
N LYS B 288 -2.24 4.99 -10.84
CA LYS B 288 -1.43 5.90 -9.97
C LYS B 288 -2.22 7.19 -9.74
N GLU B 289 -2.86 7.75 -10.78
CA GLU B 289 -3.64 9.00 -10.69
C GLU B 289 -4.86 8.76 -9.76
N GLU B 290 -5.55 7.64 -9.90
CA GLU B 290 -6.69 7.32 -9.01
C GLU B 290 -6.17 7.15 -7.57
N GLN B 291 -5.01 6.50 -7.43
CA GLN B 291 -4.45 6.22 -6.09
C GLN B 291 -4.11 7.54 -5.41
N ALA B 292 -3.63 8.51 -6.17
CA ALA B 292 -3.37 9.86 -5.63
C ALA B 292 -4.64 10.53 -5.14
N VAL B 293 -5.75 10.40 -5.88
CA VAL B 293 -7.05 10.94 -5.41
C VAL B 293 -7.40 10.24 -4.08
N ALA B 294 -7.27 8.92 -4.03
CA ALA B 294 -7.52 8.14 -2.80
C ALA B 294 -6.65 8.68 -1.65
N LYS B 295 -5.37 8.96 -1.88
CA LYS B 295 -4.50 9.48 -0.78
C LYS B 295 -5.15 10.78 -0.23
N ASP B 296 -5.49 11.71 -1.11
CA ASP B 296 -6.08 13.00 -0.66
C ASP B 296 -7.42 12.77 0.01
N PHE B 297 -8.24 11.85 -0.53
CA PHE B 297 -9.56 11.61 0.08
C PHE B 297 -9.41 10.99 1.48
N LEU B 298 -8.50 10.07 1.61
CA LEU B 298 -8.25 9.41 2.93
C LEU B 298 -7.71 10.42 3.95
N GLU B 299 -6.81 11.33 3.58
CA GLU B 299 -6.37 12.36 4.50
C GLU B 299 -7.54 13.27 4.85
N PHE B 300 -8.44 13.53 3.92
CA PHE B 300 -9.62 14.36 4.19
C PHE B 300 -10.57 13.65 5.16
N VAL B 301 -10.86 12.37 4.93
CA VAL B 301 -11.73 11.53 5.80
C VAL B 301 -11.18 11.49 7.23
N LEU B 302 -9.87 11.48 7.39
CA LEU B 302 -9.21 11.41 8.71
C LEU B 302 -9.03 12.81 9.32
N SER B 303 -9.48 13.88 8.67
CA SER B 303 -9.29 15.27 9.21
C SER B 303 -10.31 15.47 10.32
N PRO B 304 -9.99 16.29 11.32
CA PRO B 304 -10.89 16.40 12.45
C PRO B 304 -12.26 16.91 12.03
N ARG B 305 -12.32 17.85 11.11
CA ARG B 305 -13.62 18.45 10.70
C ARG B 305 -14.47 17.41 9.97
N ALA B 306 -13.90 16.70 9.01
CA ALA B 306 -14.65 15.64 8.32
C ALA B 306 -15.17 14.65 9.32
N GLN B 307 -14.38 14.20 10.27
CA GLN B 307 -14.84 13.18 11.24
C GLN B 307 -15.91 13.82 12.13
N ALA B 308 -15.74 15.08 12.53
CA ALA B 308 -16.68 15.75 13.43
C ALA B 308 -18.05 15.88 12.75
N VAL B 309 -18.08 16.26 11.49
CA VAL B 309 -19.35 16.50 10.75
C VAL B 309 -20.00 15.12 10.51
N PHE B 310 -19.20 14.16 10.06
CA PHE B 310 -19.75 12.81 9.73
C PHE B 310 -20.30 12.14 10.98
N ALA B 311 -19.57 12.18 12.09
CA ALA B 311 -19.96 11.47 13.32
C ALA B 311 -21.22 12.12 13.89
N THR B 312 -21.24 13.46 13.92
CA THR B 312 -22.41 14.20 14.51
C THR B 312 -23.63 14.06 13.63
N ALA B 313 -23.52 13.82 12.33
CA ALA B 313 -24.66 13.66 11.41
C ALA B 313 -25.30 12.28 11.63
N THR B 314 -24.52 11.35 12.14
CA THR B 314 -24.88 9.92 12.08
C THR B 314 -24.96 9.25 13.46
N GLY B 315 -23.95 9.38 14.32
CA GLY B 315 -23.85 8.47 15.47
C GLY B 315 -22.66 7.57 15.34
N TYR B 316 -22.00 7.64 14.20
CA TYR B 316 -20.77 6.85 14.13
C TYR B 316 -19.75 7.38 15.13
N VAL B 317 -18.75 6.57 15.46
CA VAL B 317 -17.76 6.92 16.50
C VAL B 317 -16.68 7.73 15.79
N PRO B 318 -16.28 8.96 16.18
CA PRO B 318 -15.13 9.62 15.56
C PRO B 318 -13.92 8.71 15.66
N VAL B 319 -13.18 8.49 14.55
CA VAL B 319 -12.11 7.47 14.58
C VAL B 319 -10.79 8.07 15.06
N THR B 320 -10.67 9.41 15.26
CA THR B 320 -9.40 10.02 15.60
C THR B 320 -9.57 10.77 16.91
N GLU B 321 -8.46 10.86 17.62
CA GLU B 321 -8.35 11.77 18.78
C GLU B 321 -8.72 13.21 18.35
N GLY B 322 -8.25 13.65 17.18
CA GLY B 322 -8.37 15.08 16.79
C GLY B 322 -9.83 15.48 16.59
N ALA B 323 -10.70 14.53 16.22
CA ALA B 323 -12.11 14.86 15.91
C ALA B 323 -12.75 15.35 17.20
N LEU B 324 -12.33 14.77 18.33
CA LEU B 324 -13.00 15.11 19.61
C LEU B 324 -12.61 16.51 20.05
N LYS B 325 -11.51 17.01 19.53
CA LYS B 325 -11.03 18.37 19.84
C LYS B 325 -11.56 19.39 18.84
N ASP B 326 -12.29 18.97 17.82
CA ASP B 326 -12.76 19.92 16.79
C ASP B 326 -13.95 20.70 17.35
N PRO B 327 -13.96 22.01 17.20
CA PRO B 327 -15.06 22.81 17.74
C PRO B 327 -16.46 22.47 17.24
N VAL B 328 -16.62 22.00 16.03
CA VAL B 328 -17.98 21.63 15.55
C VAL B 328 -18.45 20.40 16.34
N TYR B 329 -17.58 19.41 16.55
CA TYR B 329 -17.88 18.23 17.38
C TYR B 329 -18.24 18.74 18.77
N GLN B 330 -17.43 19.67 19.31
CA GLN B 330 -17.58 20.13 20.72
C GLN B 330 -18.93 20.83 20.85
N ALA B 331 -19.29 21.60 19.83
CA ALA B 331 -20.58 22.32 19.88
C ALA B 331 -21.73 21.28 19.90
N TYR B 332 -21.75 20.30 19.02
CA TYR B 332 -22.79 19.23 19.04
C TYR B 332 -22.83 18.59 20.43
N ALA B 333 -21.67 18.16 20.95
CA ALA B 333 -21.58 17.38 22.21
C ALA B 333 -22.09 18.25 23.36
N ALA B 334 -21.74 19.52 23.36
CA ALA B 334 -22.20 20.44 24.42
C ALA B 334 -23.72 20.51 24.44
N GLU B 335 -24.43 20.40 23.30
CA GLU B 335 -25.92 20.54 23.22
C GLU B 335 -26.57 19.17 23.46
N ASN B 336 -25.82 18.10 23.29
CA ASN B 336 -26.43 16.77 23.20
C ASN B 336 -25.50 15.75 23.82
N PRO B 337 -25.73 15.30 25.06
CA PRO B 337 -24.83 14.40 25.77
C PRO B 337 -24.72 13.00 25.18
N ASP B 338 -25.56 12.69 24.21
CA ASP B 338 -25.59 11.33 23.60
C ASP B 338 -24.30 11.11 22.82
N TYR B 339 -23.68 12.17 22.30
CA TYR B 339 -22.44 11.97 21.53
C TYR B 339 -21.32 11.49 22.42
N ALA B 340 -21.18 12.06 23.60
CA ALA B 340 -20.18 11.63 24.58
C ALA B 340 -20.50 10.22 25.04
N THR B 341 -21.77 9.89 25.17
CA THR B 341 -22.17 8.50 25.57
C THR B 341 -21.65 7.48 24.55
N ILE B 342 -21.83 7.80 23.27
CA ILE B 342 -21.33 6.91 22.18
C ILE B 342 -19.82 6.76 22.30
N VAL B 343 -19.09 7.88 22.47
CA VAL B 343 -17.62 7.80 22.62
C VAL B 343 -17.26 7.01 23.87
N ARG B 344 -17.97 7.19 25.00
CA ARG B 344 -17.63 6.39 26.21
CA ARG B 344 -17.73 6.40 26.25
C ARG B 344 -17.86 4.91 25.92
N GLN B 345 -18.95 4.57 25.21
CA GLN B 345 -19.24 3.15 24.95
C GLN B 345 -18.13 2.60 24.03
N SER B 346 -17.57 3.46 23.14
CA SER B 346 -16.57 3.00 22.16
C SER B 346 -15.31 2.54 22.87
N ARG B 347 -15.11 2.92 24.13
CA ARG B 347 -13.96 2.42 24.95
C ARG B 347 -14.09 0.93 25.31
N TYR B 348 -15.28 0.38 25.25
CA TYR B 348 -15.61 -1.01 25.66
C TYR B 348 -16.18 -1.72 24.43
N ALA B 349 -15.27 -2.24 23.62
CA ALA B 349 -15.55 -2.52 22.21
C ALA B 349 -14.94 -3.87 21.86
N LYS B 350 -15.72 -4.73 21.26
CA LYS B 350 -15.29 -6.06 20.82
C LYS B 350 -15.68 -6.25 19.36
N PHE B 351 -14.84 -7.04 18.69
CA PHE B 351 -15.02 -7.33 17.26
C PHE B 351 -15.27 -8.84 17.16
N GLU B 352 -16.07 -9.16 16.15
CA GLU B 352 -16.23 -10.53 15.64
C GLU B 352 -14.90 -10.98 15.02
N PRO B 353 -14.81 -12.27 14.72
CA PRO B 353 -13.63 -12.81 14.05
C PRO B 353 -13.38 -12.21 12.67
N ALA B 354 -12.10 -12.06 12.32
CA ALA B 354 -11.73 -11.47 11.01
C ALA B 354 -11.42 -12.55 9.98
N LEU B 355 -12.00 -13.74 10.14
CA LEU B 355 -11.85 -14.86 9.18
C LEU B 355 -12.44 -14.44 7.85
N ALA B 356 -11.81 -14.80 6.72
CA ALA B 356 -12.36 -14.45 5.40
C ALA B 356 -13.80 -14.96 5.20
N GLU B 357 -14.16 -16.10 5.81
CA GLU B 357 -15.46 -16.77 5.65
C GLU B 357 -16.48 -16.15 6.63
N TRP B 358 -16.12 -15.16 7.40
CA TRP B 358 -17.03 -14.75 8.50
C TRP B 358 -18.34 -14.16 7.95
N GLU B 359 -18.31 -13.38 6.86
CA GLU B 359 -19.58 -12.77 6.39
C GLU B 359 -20.59 -13.90 6.17
N GLN B 360 -20.19 -14.93 5.45
CA GLN B 360 -21.06 -16.09 5.19
C GLN B 360 -21.50 -16.68 6.53
N ILE B 361 -20.58 -16.93 7.45
CA ILE B 361 -20.95 -17.60 8.72
C ILE B 361 -21.95 -16.73 9.49
N ARG B 362 -21.68 -15.44 9.64
CA ARG B 362 -22.48 -14.63 10.61
C ARG B 362 -23.92 -14.54 10.11
N PHE B 363 -24.17 -14.52 8.81
CA PHE B 363 -25.54 -14.34 8.27
C PHE B 363 -26.21 -15.73 8.00
N ASP B 364 -25.55 -16.58 7.25
CA ASP B 364 -26.15 -17.84 6.75
C ASP B 364 -26.09 -18.97 7.75
N ILE B 365 -25.21 -18.92 8.77
CA ILE B 365 -24.99 -20.08 9.67
C ILE B 365 -25.38 -19.62 11.09
N LEU B 366 -24.65 -18.67 11.67
CA LEU B 366 -24.98 -18.19 13.04
C LEU B 366 -26.33 -17.45 13.03
N GLY B 367 -26.51 -16.47 12.14
CA GLY B 367 -27.78 -15.73 12.01
C GLY B 367 -28.96 -16.68 11.88
N GLN B 368 -28.84 -17.70 11.05
CA GLN B 368 -29.93 -18.67 10.84
C GLN B 368 -30.21 -19.45 12.11
N ALA B 369 -29.19 -19.90 12.84
CA ALA B 369 -29.37 -20.59 14.12
C ALA B 369 -30.15 -19.70 15.11
N ILE B 370 -29.85 -18.41 15.14
CA ILE B 370 -30.50 -17.47 16.10
C ILE B 370 -31.96 -17.30 15.69
N LYS B 371 -32.21 -17.19 14.38
CA LYS B 371 -33.60 -17.11 13.86
C LYS B 371 -34.33 -18.41 14.16
N GLU B 372 -33.70 -19.55 13.97
CA GLU B 372 -34.36 -20.87 14.27
CA GLU B 372 -34.40 -20.84 14.27
C GLU B 372 -34.84 -20.85 15.73
N ALA B 373 -33.98 -20.45 16.66
CA ALA B 373 -34.33 -20.49 18.10
C ALA B 373 -35.37 -19.45 18.43
N ILE B 374 -35.17 -18.23 17.94
CA ILE B 374 -36.08 -17.13 18.37
C ILE B 374 -37.40 -17.23 17.63
N LEU B 375 -37.41 -17.50 16.33
CA LEU B 375 -38.63 -17.40 15.49
C LEU B 375 -39.34 -18.77 15.41
N ASN B 376 -38.59 -19.86 15.44
CA ASN B 376 -39.15 -21.23 15.17
C ASN B 376 -39.02 -22.13 16.40
N LYS B 377 -38.73 -21.58 17.58
CA LYS B 377 -38.60 -22.27 18.90
C LYS B 377 -37.63 -23.47 18.84
N ALA B 378 -36.62 -23.42 17.98
CA ALA B 378 -35.56 -24.43 18.06
C ALA B 378 -34.90 -24.37 19.44
N ASP B 379 -34.55 -25.53 19.96
CA ASP B 379 -33.69 -25.65 21.15
C ASP B 379 -32.39 -24.87 20.93
N PRO B 380 -32.01 -23.92 21.82
CA PRO B 380 -30.82 -23.10 21.57
C PRO B 380 -29.57 -23.96 21.35
N LYS B 381 -29.29 -24.94 22.23
CA LYS B 381 -28.06 -25.76 22.07
C LYS B 381 -28.13 -26.50 20.72
N ALA B 382 -29.24 -27.18 20.46
CA ALA B 382 -29.42 -27.88 19.15
C ALA B 382 -29.16 -26.90 17.99
N ALA B 383 -29.77 -25.73 17.97
CA ALA B 383 -29.61 -24.77 16.83
C ALA B 383 -28.14 -24.36 16.63
N LEU B 384 -27.44 -24.11 17.72
CA LEU B 384 -26.01 -23.69 17.72
C LEU B 384 -25.12 -24.91 17.42
N ASP B 385 -25.52 -26.12 17.78
CA ASP B 385 -24.73 -27.35 17.45
C ASP B 385 -24.81 -27.51 15.92
N ARG B 386 -25.94 -27.22 15.32
CA ARG B 386 -26.04 -27.33 13.84
C ARG B 386 -25.12 -26.25 13.24
N ALA B 387 -25.16 -25.03 13.78
CA ALA B 387 -24.33 -23.90 13.26
C ALA B 387 -22.88 -24.31 13.32
N GLN B 388 -22.46 -24.87 14.45
CA GLN B 388 -21.03 -25.26 14.68
C GLN B 388 -20.63 -26.27 13.63
N LYS B 389 -21.47 -27.30 13.40
CA LYS B 389 -21.19 -28.31 12.36
C LYS B 389 -21.06 -27.66 10.99
N LEU B 390 -22.00 -26.79 10.62
CA LEU B 390 -21.95 -26.16 9.27
C LEU B 390 -20.71 -25.25 9.17
N ALA B 391 -20.34 -24.51 10.24
CA ALA B 391 -19.13 -23.67 10.22
C ALA B 391 -17.90 -24.59 10.10
N GLU B 392 -17.81 -25.64 10.90
CA GLU B 392 -16.67 -26.60 10.83
C GLU B 392 -16.56 -27.14 9.42
N ASP B 393 -17.69 -27.49 8.79
CA ASP B 393 -17.74 -28.00 7.38
C ASP B 393 -17.19 -26.94 6.42
N LEU B 394 -17.62 -25.69 6.57
CA LEU B 394 -17.19 -24.60 5.67
C LEU B 394 -15.68 -24.37 5.86
N LEU B 395 -15.16 -24.40 7.09
CA LEU B 395 -13.74 -24.07 7.38
C LEU B 395 -12.84 -25.31 7.23
N SER B 396 -13.34 -26.48 6.83
CA SER B 396 -12.51 -27.71 6.75
C SER B 396 -12.13 -28.03 5.29
N SER B 397 -11.33 -29.09 5.14
CA SER B 397 -10.89 -29.64 3.84
C SER B 397 -12.01 -30.41 3.13
N ARG B 398 -13.19 -30.65 3.73
CA ARG B 398 -14.29 -31.35 3.00
C ARG B 398 -15.36 -30.35 2.57
C CO2 C . 14.86 -2.69 -14.15
O1 CO2 C . 15.75 -3.06 -13.47
O2 CO2 C . 14.16 -2.36 -15.02
C CO2 D . 10.47 0.85 -17.27
O1 CO2 D . 11.42 1.33 -16.76
O2 CO2 D . 9.67 0.44 -18.02
C CO2 E . 18.96 -0.06 -17.79
O1 CO2 E . 18.11 -0.55 -17.18
O2 CO2 E . 19.61 0.43 -18.61
P PO3 F . 1.57 -2.08 -37.07
O1 PO3 F . 1.98 -2.71 -35.78
O2 PO3 F . 0.86 -0.80 -36.76
O3 PO3 F . 2.79 -1.73 -37.86
C1 GOL G . 28.64 13.74 -27.16
O1 GOL G . 27.38 14.13 -26.62
C2 GOL G . 28.90 12.30 -26.80
O2 GOL G . 28.66 11.50 -27.95
C3 GOL G . 30.25 12.06 -26.15
O3 GOL G . 31.10 11.20 -26.88
C1 GOL H . 19.90 -14.01 -29.85
O1 GOL H . 18.54 -13.79 -30.18
C2 GOL H . 20.64 -14.81 -30.90
O2 GOL H . 20.44 -16.18 -30.59
C3 GOL H . 20.24 -14.50 -32.34
O3 GOL H . 21.03 -13.46 -32.93
C10 FGO I . 17.46 0.23 -13.18
C11 FGO I . 16.18 2.02 -12.63
C12 FGO I . 15.59 3.91 -11.26
C13 FGO I . 15.98 5.27 -11.15
C14 FGO I . 17.07 4.33 -12.81
C15 FGO I . 15.36 6.03 -10.08
C16 FGO I . 14.19 4.08 -9.44
C17 FGO I . 15.99 1.85 -14.11
C18 FGO I . 16.68 0.58 -14.47
C21 FGO I . 14.57 1.79 -14.42
O12 FGO I . 21.24 -1.38 -10.77
P FGO I . 20.81 -1.21 -12.16
O11 FGO I . 21.91 -0.74 -13.08
O FGO I . 20.36 -2.64 -12.75
C FGO I . 19.40 -3.46 -12.04
C3 FGO I . 20.13 -4.53 -11.31
C4 FGO I . 19.41 -5.05 -10.08
O3 FGO I . 18.09 -5.50 -10.40
O2 FGO I . 20.32 -5.58 -12.24
C2 FGO I . 19.67 -5.30 -13.44
N FGO I . 19.15 -6.57 -14.02
C8 FGO I . 18.64 -7.59 -13.28
C7 FGO I . 18.26 -8.76 -13.96
C6 FGO I . 18.44 -8.93 -15.36
O5 FGO I . 18.13 -10.00 -16.08
N1 FGO I . 18.97 -7.97 -16.03
C5 FGO I . 19.33 -6.85 -15.40
O4 FGO I . 19.81 -6.04 -16.18
C1 FGO I . 18.64 -4.24 -13.05
O1 FGO I . 18.26 -3.46 -14.18
O6 FGO I . 19.49 -0.31 -12.27
C9 FGO I . 18.88 -0.09 -13.53
C19 FGO I . 15.66 -0.39 -14.84
C20 FGO I . 14.35 0.44 -14.98
O9 FGO I . 13.42 -0.22 -14.15
O10 FGO I . 13.92 0.70 -16.37
O7 FGO I . 17.47 1.44 -12.45
N2 FGO I . 16.30 3.38 -12.27
N3 FGO I . 16.89 5.49 -12.14
N5 FGO I . 14.73 3.32 -10.42
N6 FGO I . 13.29 3.50 -8.60
N4 FGO I . 14.47 5.38 -9.29
O8 FGO I . 15.57 7.24 -9.89
C CO2 J . -28.50 -3.87 8.75
O1 CO2 J . -29.13 -4.83 8.98
O2 CO2 J . -27.97 -2.82 8.73
C1 EDO K . -27.83 -5.12 13.70
O1 EDO K . -28.66 -5.57 14.81
C2 EDO K . -27.03 -3.85 13.93
O2 EDO K . -26.53 -3.64 15.25
C1 EDO L . -36.29 12.06 19.92
O1 EDO L . -37.31 12.23 18.99
C2 EDO L . -36.74 12.07 21.31
O2 EDO L . -35.83 12.70 22.18
C1 GOL M . -17.92 -8.85 31.13
O1 GOL M . -18.01 -9.92 30.19
C2 GOL M . -18.49 -7.59 30.52
O2 GOL M . -19.84 -7.39 30.91
C3 GOL M . -17.64 -6.36 30.81
O3 GOL M . -18.34 -5.29 31.44
C10 FGO N . -24.48 -3.65 10.26
C11 FGO N . -23.66 -5.61 9.51
C12 FGO N . -21.88 -6.94 8.55
C13 FGO N . -20.68 -7.56 9.04
C14 FGO N . -21.70 -6.62 10.70
C15 FGO N . -19.84 -8.25 8.05
C16 FGO N . -21.38 -7.58 6.37
C17 FGO N . -24.64 -6.05 10.56
C18 FGO N . -25.34 -4.77 10.91
C21 FGO N . -25.57 -7.00 9.97
O12 FGO N . -22.58 0.60 9.86
P FGO N . -23.45 -0.08 10.84
O11 FGO N . -23.17 0.13 12.34
O FGO N . -24.98 0.44 10.64
C FGO N . -25.60 0.43 9.35
C3 FGO N . -25.54 1.83 8.81
C4 FGO N . -25.55 1.92 7.28
O3 FGO N . -26.74 1.39 6.72
O2 FGO N . -26.65 2.45 9.40
C2 FGO N . -27.46 1.51 10.09
N FGO N . -28.91 1.90 9.90
C8 FGO N . -29.43 2.35 8.72
C7 FGO N . -30.80 2.70 8.69
C6 FGO N . -31.61 2.63 9.83
O5 FGO N . -32.86 2.92 9.94
N1 FGO N . -31.08 2.23 10.92
C5 FGO N . -29.80 1.87 10.98
O4 FGO N . -29.51 1.49 12.08
C1 FGO N . -27.08 0.16 9.55
O1 FGO N . -27.32 -0.95 10.46
O6 FGO N . -23.43 -1.62 10.46
C9 FGO N . -24.28 -2.48 11.16
C19 FGO N . -26.67 -4.87 10.32
C20 FGO N . -26.89 -6.35 9.94
O9 FGO N . -27.48 -6.48 8.65
O10 FGO N . -27.75 -7.09 10.85
O7 FGO N . -23.27 -4.31 9.95
N2 FGO N . -22.45 -6.38 9.62
N3 FGO N . -20.64 -7.36 10.35
N5 FGO N . -22.22 -6.94 7.25
N6 FGO N . -21.71 -7.59 5.05
N4 FGO N . -20.26 -8.21 6.78
O8 FGO N . -18.78 -8.84 8.41
#